data_5F9Y
#
_entry.id   5F9Y
#
_cell.length_a   90.870
_cell.length_b   110.140
_cell.length_c   127.710
_cell.angle_alpha   90.000
_cell.angle_beta   90.000
_cell.angle_gamma   90.000
#
_symmetry.space_group_name_H-M   'P 21 21 21'
#
loop_
_entity.id
_entity.type
_entity.pdbx_description
1 polymer 'Aminoacyl-tRNA synthetase'
2 non-polymer PROLINE
3 non-polymer 'ADENOSINE MONOPHOSPHATE'
4 non-polymer 'ZINC ION'
5 non-polymer 'PHOSPHATE ION'
6 water water
#
_entity_poly.entity_id   1
_entity_poly.type   'polypeptide(L)'
_entity_poly.pdbx_seq_one_letter_code
;MAHHHHHHSKENESLLGITADKITSFADWYSQVIVKSEMIEYYDISGCYILRPWSYFIWETIQSVFDQKIKQHDVQNAYF
PIFVTQKKLETEKDHVEGFSPEVAWVTKSGKSDLAEPIAIRPTSETIMYPYFAKWIRSHRDLPLKINQWTSIVRWEFKHP
TPFIRTREFLWQEGHTAHSTRKEALEMVDIILNEYASIYEDLLATPVVKGTKSENEKFPGGDITKSIEGFIPEIGRAVQA
ATSHLLGQNFSKMFGVEFEDEKGNKEYAHQTSWGLTTRAIGVMIMTHGDNKGLVLPPKVAPVQVIIIPIIFKTVITEEQK
KICNEVECILKKAGVRVKIDDRSNYTPGWKYNHWEVKGVCLRFEVGPRDIEKRSVRVVVRDNMEKMDIPISELESKIPKL
LEEFQNRLLFKAKQRQNESIIRVDTFDKVMDTLNQKKMVIAPWCEDVSCEEEIKKETARLSLDNEDNQSMTGAMKSLCIP
NDQIFKIEEGKTKCFFCDKLAKKFTLFGRSY
;
_entity_poly.pdbx_strand_id   A,B
#
loop_
_chem_comp.id
_chem_comp.type
_chem_comp.name
_chem_comp.formula
AMP non-polymer 'ADENOSINE MONOPHOSPHATE' 'C10 H14 N5 O7 P'
PO4 non-polymer 'PHOSPHATE ION' 'O4 P -3'
ZN non-polymer 'ZINC ION' 'Zn 2'
#
# COMPACT_ATOMS: atom_id res chain seq x y z
N ALA A 2 -6.01 -8.44 -35.16
CA ALA A 2 -5.11 -9.58 -35.21
C ALA A 2 -5.14 -10.34 -33.89
N HIS A 3 -6.33 -10.47 -33.32
CA HIS A 3 -6.53 -11.20 -32.07
C HIS A 3 -7.41 -12.42 -32.24
N HIS A 4 -7.48 -12.98 -33.46
CA HIS A 4 -8.38 -14.08 -33.77
C HIS A 4 -7.68 -15.18 -34.58
N HIS A 5 -6.35 -15.27 -34.49
CA HIS A 5 -5.61 -16.16 -35.37
C HIS A 5 -5.57 -17.58 -34.86
N HIS A 6 -5.51 -17.76 -33.54
CA HIS A 6 -5.24 -19.07 -32.97
C HIS A 6 -6.54 -19.86 -32.73
N HIS A 7 -6.37 -21.15 -32.50
CA HIS A 7 -7.50 -22.08 -32.47
C HIS A 7 -8.37 -21.87 -31.23
N HIS A 8 -9.68 -21.84 -31.44
CA HIS A 8 -10.65 -21.72 -30.37
C HIS A 8 -11.32 -23.07 -30.11
N SER A 9 -11.63 -23.33 -28.84
CA SER A 9 -12.28 -24.56 -28.42
C SER A 9 -13.79 -24.36 -28.33
N LYS A 10 -14.50 -25.45 -28.01
CA LYS A 10 -15.95 -25.36 -27.83
C LYS A 10 -16.30 -24.54 -26.59
N GLU A 11 -15.48 -24.65 -25.54
CA GLU A 11 -15.72 -23.86 -24.34
C GLU A 11 -15.41 -22.40 -24.55
N ASN A 12 -14.47 -22.09 -25.45
CA ASN A 12 -14.15 -20.69 -25.74
C ASN A 12 -15.28 -20.01 -26.51
N GLU A 13 -16.00 -20.76 -27.33
CA GLU A 13 -17.13 -20.21 -28.08
C GLU A 13 -18.40 -20.15 -27.26
N SER A 14 -18.38 -20.60 -26.01
CA SER A 14 -19.56 -20.58 -25.15
C SER A 14 -19.68 -19.21 -24.46
N LEU A 15 -20.70 -19.08 -23.62
CA LEU A 15 -20.90 -17.83 -22.90
C LEU A 15 -19.86 -17.63 -21.82
N LEU A 16 -19.28 -18.71 -21.31
CA LEU A 16 -18.20 -18.59 -20.32
C LEU A 16 -16.92 -18.08 -20.93
N GLY A 17 -16.81 -18.03 -22.25
CA GLY A 17 -15.71 -17.38 -22.92
C GLY A 17 -16.00 -15.92 -23.19
N ILE A 18 -15.27 -15.36 -24.15
CA ILE A 18 -15.42 -13.97 -24.53
C ILE A 18 -16.26 -13.92 -25.80
N THR A 19 -17.37 -13.17 -25.74
CA THR A 19 -18.32 -13.10 -26.84
C THR A 19 -17.96 -12.02 -27.85
N ALA A 20 -17.57 -10.84 -27.39
CA ALA A 20 -17.29 -9.72 -28.27
C ALA A 20 -15.92 -9.88 -28.92
N ASP A 21 -15.82 -9.41 -30.17
CA ASP A 21 -14.55 -9.35 -30.86
C ASP A 21 -13.80 -8.09 -30.44
N LYS A 22 -12.47 -8.22 -30.26
CA LYS A 22 -11.70 -7.15 -29.67
C LYS A 22 -11.66 -5.91 -30.56
N ILE A 23 -11.61 -6.10 -31.88
CA ILE A 23 -11.45 -4.97 -32.79
C ILE A 23 -12.79 -4.34 -33.17
N THR A 24 -13.77 -5.17 -33.54
CA THR A 24 -15.04 -4.64 -34.02
C THR A 24 -15.94 -4.16 -32.88
N SER A 25 -15.77 -4.72 -31.67
CA SER A 25 -16.57 -4.31 -30.50
C SER A 25 -15.63 -4.24 -29.30
N PHE A 26 -14.89 -3.14 -29.20
CA PHE A 26 -13.81 -3.04 -28.22
C PHE A 26 -14.36 -2.88 -26.80
N ALA A 27 -15.30 -1.95 -26.61
CA ALA A 27 -15.79 -1.65 -25.26
C ALA A 27 -16.45 -2.87 -24.62
N ASP A 28 -17.21 -3.63 -25.39
CA ASP A 28 -17.81 -4.85 -24.85
C ASP A 28 -16.75 -5.91 -24.58
N TRP A 29 -15.72 -5.96 -25.43
CA TRP A 29 -14.62 -6.90 -25.20
C TRP A 29 -13.91 -6.60 -23.90
N TYR A 30 -13.57 -5.32 -23.68
CA TYR A 30 -12.83 -4.93 -22.47
C TYR A 30 -13.64 -5.24 -21.21
N SER A 31 -14.96 -5.04 -21.27
CA SER A 31 -15.80 -5.34 -20.11
C SER A 31 -15.82 -6.83 -19.80
N GLN A 32 -16.00 -7.67 -20.82
CA GLN A 32 -16.05 -9.11 -20.60
C GLN A 32 -14.71 -9.65 -20.12
N VAL A 33 -13.61 -9.09 -20.60
CA VAL A 33 -12.30 -9.58 -20.21
C VAL A 33 -12.03 -9.31 -18.74
N ILE A 34 -12.32 -8.08 -18.28
CA ILE A 34 -12.03 -7.74 -16.90
C ILE A 34 -13.03 -8.32 -15.90
N VAL A 35 -14.24 -8.66 -16.36
CA VAL A 35 -15.27 -9.20 -15.47
C VAL A 35 -15.20 -10.71 -15.39
N LYS A 36 -15.25 -11.40 -16.54
CA LYS A 36 -15.25 -12.85 -16.54
C LYS A 36 -13.96 -13.45 -16.01
N SER A 37 -12.86 -12.69 -16.04
CA SER A 37 -11.60 -13.15 -15.46
C SER A 37 -11.52 -12.87 -13.96
N GLU A 38 -12.58 -12.34 -13.35
CA GLU A 38 -12.64 -12.06 -11.92
C GLU A 38 -11.59 -11.02 -11.50
N MET A 39 -11.42 -9.99 -12.35
CA MET A 39 -10.54 -8.86 -12.03
C MET A 39 -11.28 -7.65 -11.51
N ILE A 40 -12.41 -7.30 -12.12
CA ILE A 40 -13.14 -6.07 -11.83
C ILE A 40 -14.57 -6.44 -11.46
N GLU A 41 -15.14 -5.73 -10.50
CA GLU A 41 -16.54 -5.83 -10.15
C GLU A 41 -17.14 -4.42 -10.19
N TYR A 42 -18.19 -4.25 -10.98
CA TYR A 42 -18.79 -2.92 -11.11
C TYR A 42 -19.48 -2.50 -9.82
N TYR A 43 -19.30 -1.24 -9.46
CA TYR A 43 -19.80 -0.69 -8.20
C TYR A 43 -21.06 0.15 -8.47
N ASP A 44 -21.88 0.29 -7.42
CA ASP A 44 -23.11 1.06 -7.56
C ASP A 44 -22.87 2.56 -7.66
N ILE A 45 -21.62 3.01 -7.62
CA ILE A 45 -21.26 4.41 -7.79
C ILE A 45 -20.47 4.51 -9.08
N SER A 46 -20.95 5.34 -10.01
CA SER A 46 -20.30 5.49 -11.30
C SER A 46 -18.85 5.93 -11.14
N GLY A 47 -17.98 5.39 -12.00
CA GLY A 47 -16.57 5.70 -11.97
C GLY A 47 -15.75 4.89 -10.99
N CYS A 48 -16.38 4.25 -10.01
CA CYS A 48 -15.67 3.45 -9.02
C CYS A 48 -15.78 1.97 -9.38
N TYR A 49 -14.70 1.23 -9.11
CA TYR A 49 -14.63 -0.18 -9.46
C TYR A 49 -13.93 -0.94 -8.35
N ILE A 50 -14.30 -2.21 -8.22
CA ILE A 50 -13.74 -3.09 -7.20
C ILE A 50 -12.57 -3.85 -7.80
N LEU A 51 -11.39 -3.69 -7.19
CA LEU A 51 -10.19 -4.40 -7.62
C LEU A 51 -10.17 -5.76 -6.93
N ARG A 52 -10.61 -6.80 -7.64
CA ARG A 52 -10.61 -8.14 -7.10
C ARG A 52 -9.18 -8.68 -7.01
N PRO A 53 -8.97 -9.74 -6.21
CA PRO A 53 -7.59 -10.24 -6.01
C PRO A 53 -6.82 -10.53 -7.28
N TRP A 54 -7.50 -10.92 -8.36
CA TRP A 54 -6.78 -11.25 -9.59
C TRP A 54 -6.13 -10.03 -10.21
N SER A 55 -6.77 -8.86 -10.10
CA SER A 55 -6.20 -7.63 -10.65
C SER A 55 -5.35 -6.88 -9.62
N TYR A 56 -5.72 -6.94 -8.33
CA TYR A 56 -4.94 -6.24 -7.33
C TYR A 56 -3.55 -6.85 -7.16
N PHE A 57 -3.41 -8.14 -7.49
CA PHE A 57 -2.10 -8.77 -7.47
C PHE A 57 -1.14 -8.07 -8.42
N ILE A 58 -1.64 -7.66 -9.59
CA ILE A 58 -0.78 -6.96 -10.55
C ILE A 58 -0.34 -5.62 -9.98
N TRP A 59 -1.24 -4.93 -9.27
CA TRP A 59 -0.86 -3.65 -8.67
C TRP A 59 0.13 -3.85 -7.53
N GLU A 60 0.01 -4.95 -6.77
CA GLU A 60 0.98 -5.22 -5.72
C GLU A 60 2.36 -5.51 -6.29
N THR A 61 2.43 -6.16 -7.44
CA THR A 61 3.73 -6.40 -8.07
C THR A 61 4.34 -5.10 -8.58
N ILE A 62 3.52 -4.22 -9.16
CA ILE A 62 4.01 -2.91 -9.57
C ILE A 62 4.52 -2.13 -8.36
N GLN A 63 3.82 -2.25 -7.22
CA GLN A 63 4.30 -1.61 -6.00
C GLN A 63 5.66 -2.17 -5.59
N SER A 64 5.79 -3.49 -5.52
CA SER A 64 7.03 -4.09 -5.03
C SER A 64 8.22 -3.71 -5.90
N VAL A 65 8.03 -3.69 -7.22
CA VAL A 65 9.14 -3.39 -8.12
C VAL A 65 9.51 -1.91 -8.04
N PHE A 66 8.52 -1.03 -8.15
CA PHE A 66 8.81 0.40 -8.22
C PHE A 66 9.24 0.95 -6.86
N ASP A 67 8.64 0.47 -5.77
CA ASP A 67 9.03 0.93 -4.46
C ASP A 67 10.48 0.55 -4.16
N GLN A 68 10.92 -0.61 -4.63
CA GLN A 68 12.31 -1.01 -4.43
CA GLN A 68 12.31 -1.04 -4.45
C GLN A 68 13.25 -0.23 -5.34
N LYS A 69 12.76 0.33 -6.44
CA LYS A 69 13.60 1.11 -7.34
C LYS A 69 13.84 2.52 -6.79
N ILE A 70 12.81 3.13 -6.19
CA ILE A 70 12.98 4.50 -5.69
C ILE A 70 13.81 4.49 -4.40
N LYS A 71 13.78 3.39 -3.65
CA LYS A 71 14.66 3.28 -2.49
C LYS A 71 16.12 3.18 -2.87
N GLN A 72 16.41 2.74 -4.10
CA GLN A 72 17.79 2.80 -4.59
C GLN A 72 18.26 4.25 -4.72
N HIS A 73 17.32 5.17 -4.95
CA HIS A 73 17.63 6.60 -5.05
C HIS A 73 17.30 7.35 -3.78
N ASP A 74 17.23 6.65 -2.64
CA ASP A 74 17.07 7.26 -1.32
C ASP A 74 15.76 8.03 -1.21
N VAL A 75 14.69 7.48 -1.77
CA VAL A 75 13.36 8.04 -1.63
C VAL A 75 12.67 7.34 -0.48
N GLN A 76 12.17 8.12 0.49
CA GLN A 76 11.54 7.60 1.67
C GLN A 76 10.02 7.72 1.57
N ASN A 77 9.31 6.74 2.13
CA ASN A 77 7.87 6.73 2.12
C ASN A 77 7.31 7.45 3.34
N ALA A 78 6.16 8.10 3.15
CA ALA A 78 5.46 8.79 4.22
C ALA A 78 3.97 8.69 3.94
N TYR A 79 3.16 9.42 4.71
CA TYR A 79 1.73 9.49 4.45
C TYR A 79 1.20 10.84 4.90
N PHE A 80 0.48 11.51 4.00
CA PHE A 80 -0.13 12.81 4.26
C PHE A 80 -1.64 12.67 4.28
N PRO A 81 -2.34 13.58 4.97
CA PRO A 81 -3.79 13.42 5.15
C PRO A 81 -4.54 13.40 3.83
N ILE A 82 -5.69 12.73 3.85
CA ILE A 82 -6.55 12.67 2.66
C ILE A 82 -7.34 13.97 2.46
N PHE A 83 -7.46 14.78 3.51
CA PHE A 83 -8.25 16.02 3.46
C PHE A 83 -7.34 17.23 3.27
N VAL A 84 -7.94 18.31 2.76
CA VAL A 84 -7.23 19.57 2.54
C VAL A 84 -8.25 20.69 2.60
N THR A 85 -7.82 21.84 3.14
CA THR A 85 -8.70 22.99 3.26
C THR A 85 -8.76 23.77 1.95
N GLN A 86 -9.78 24.63 1.84
CA GLN A 86 -9.96 25.40 0.62
C GLN A 86 -8.89 26.48 0.48
N LYS A 87 -8.46 27.07 1.60
CA LYS A 87 -7.41 28.10 1.55
C LYS A 87 -6.09 27.51 1.10
N LYS A 88 -5.77 26.28 1.56
CA LYS A 88 -4.52 25.64 1.15
C LYS A 88 -4.63 25.14 -0.28
N LEU A 89 -5.78 24.58 -0.67
CA LEU A 89 -5.93 24.02 -2.01
C LEU A 89 -5.77 25.08 -3.09
N GLU A 90 -6.10 26.33 -2.78
CA GLU A 90 -5.98 27.44 -3.71
C GLU A 90 -4.76 28.26 -3.30
N THR A 91 -3.66 28.08 -4.02
CA THR A 91 -2.41 28.81 -3.78
C THR A 91 -1.92 28.64 -2.35
N SER A 100 -10.51 22.28 -10.26
CA SER A 100 -11.56 22.78 -9.39
C SER A 100 -12.87 21.98 -9.46
N PRO A 101 -13.40 21.71 -10.67
CA PRO A 101 -14.64 20.93 -10.75
C PRO A 101 -14.45 19.43 -10.58
N GLU A 102 -13.21 18.94 -10.50
CA GLU A 102 -12.93 17.53 -10.35
C GLU A 102 -12.47 17.19 -8.93
N VAL A 103 -12.96 17.92 -7.94
CA VAL A 103 -12.58 17.74 -6.55
C VAL A 103 -13.84 17.44 -5.74
N ALA A 104 -13.84 16.30 -5.06
CA ALA A 104 -14.96 15.94 -4.20
C ALA A 104 -14.85 16.70 -2.88
N TRP A 105 -15.96 17.27 -2.42
CA TRP A 105 -15.99 18.11 -1.24
C TRP A 105 -16.79 17.45 -0.14
N VAL A 106 -16.20 17.35 1.04
CA VAL A 106 -16.89 16.89 2.24
C VAL A 106 -17.52 18.10 2.92
N THR A 107 -18.84 18.10 3.03
CA THR A 107 -19.56 19.25 3.57
C THR A 107 -20.33 18.96 4.84
N LYS A 108 -20.61 17.69 5.16
CA LYS A 108 -21.37 17.34 6.34
C LYS A 108 -20.66 16.21 7.08
N SER A 109 -21.18 15.90 8.27
CA SER A 109 -20.62 14.82 9.09
C SER A 109 -21.72 14.05 9.81
N SER A 112 -24.91 17.16 10.39
CA SER A 112 -24.28 18.39 10.81
C SER A 112 -23.34 18.93 9.72
N ASP A 113 -23.75 20.05 9.10
CA ASP A 113 -22.94 20.64 8.05
C ASP A 113 -21.68 21.28 8.65
N LEU A 114 -20.72 21.54 7.78
CA LEU A 114 -19.45 22.14 8.16
C LEU A 114 -19.44 23.63 7.81
N ALA A 115 -18.79 24.42 8.66
CA ALA A 115 -18.66 25.85 8.37
C ALA A 115 -17.81 26.09 7.14
N GLU A 116 -16.71 25.35 7.01
CA GLU A 116 -15.86 25.41 5.83
C GLU A 116 -15.65 23.99 5.32
N PRO A 117 -16.23 23.62 4.18
CA PRO A 117 -16.07 22.25 3.69
C PRO A 117 -14.62 21.93 3.37
N ILE A 118 -14.25 20.69 3.63
CA ILE A 118 -12.91 20.20 3.32
C ILE A 118 -12.99 19.32 2.08
N ALA A 119 -11.86 19.16 1.40
CA ALA A 119 -11.80 18.50 0.11
C ALA A 119 -10.97 17.23 0.19
N ILE A 120 -11.38 16.23 -0.60
CA ILE A 120 -10.58 15.03 -0.78
C ILE A 120 -9.48 15.33 -1.78
N ARG A 121 -8.27 14.87 -1.46
CA ARG A 121 -7.08 15.25 -2.22
C ARG A 121 -7.15 14.74 -3.66
N PRO A 122 -7.07 15.62 -4.67
CA PRO A 122 -6.77 15.16 -6.02
C PRO A 122 -5.27 15.01 -6.26
N THR A 123 -4.45 15.62 -5.40
CA THR A 123 -3.01 15.54 -5.43
C THR A 123 -2.52 16.14 -4.12
N SER A 124 -1.24 15.96 -3.82
CA SER A 124 -0.70 16.33 -2.52
C SER A 124 0.27 17.50 -2.57
N GLU A 125 0.29 18.25 -3.67
CA GLU A 125 1.17 19.42 -3.75
C GLU A 125 0.82 20.44 -2.67
N THR A 126 -0.45 20.85 -2.61
CA THR A 126 -0.89 21.84 -1.63
C THR A 126 -0.92 21.28 -0.21
N ILE A 127 -0.76 19.98 -0.04
CA ILE A 127 -0.78 19.38 1.29
C ILE A 127 0.63 19.26 1.87
N MET A 128 1.60 18.86 1.04
CA MET A 128 2.94 18.56 1.51
C MET A 128 3.85 19.79 1.55
N TYR A 129 3.74 20.65 0.54
CA TYR A 129 4.69 21.74 0.35
C TYR A 129 4.61 22.82 1.43
N PRO A 130 3.42 23.12 1.99
CA PRO A 130 3.41 23.98 3.19
C PRO A 130 4.29 23.46 4.32
N TYR A 131 4.50 22.15 4.38
CA TYR A 131 5.40 21.56 5.37
C TYR A 131 6.80 21.32 4.83
N PHE A 132 6.98 21.29 3.51
CA PHE A 132 8.33 21.30 2.96
C PHE A 132 9.03 22.61 3.30
N ALA A 133 8.31 23.73 3.25
CA ALA A 133 8.90 25.01 3.63
C ALA A 133 9.30 25.02 5.10
N LYS A 134 8.63 24.22 5.93
CA LYS A 134 8.99 24.13 7.33
C LYS A 134 10.21 23.25 7.55
N TRP A 135 10.29 22.12 6.84
CA TRP A 135 11.36 21.15 7.05
C TRP A 135 12.67 21.58 6.40
N ILE A 136 12.64 22.43 5.40
CA ILE A 136 13.82 22.79 4.61
C ILE A 136 14.22 24.22 4.96
N ARG A 137 15.44 24.38 5.49
CA ARG A 137 15.93 25.70 5.86
C ARG A 137 17.35 25.91 5.36
N SER A 138 18.11 24.83 5.23
CA SER A 138 19.50 24.89 4.83
C SER A 138 19.73 24.00 3.59
N HIS A 139 20.82 24.29 2.88
CA HIS A 139 21.19 23.45 1.75
C HIS A 139 21.64 22.06 2.20
N ARG A 140 22.11 21.94 3.44
CA ARG A 140 22.46 20.63 3.98
C ARG A 140 21.23 19.76 4.19
N ASP A 141 20.05 20.37 4.34
CA ASP A 141 18.81 19.62 4.44
C ASP A 141 18.33 19.06 3.11
N LEU A 142 18.97 19.44 2.01
CA LEU A 142 18.61 18.96 0.68
C LEU A 142 19.63 17.93 0.21
N PRO A 143 19.19 16.97 -0.63
CA PRO A 143 17.84 16.82 -1.17
C PRO A 143 16.86 16.10 -0.25
N LEU A 144 15.58 16.44 -0.36
CA LEU A 144 14.50 15.78 0.35
C LEU A 144 13.64 15.04 -0.66
N LYS A 145 13.39 13.76 -0.41
CA LYS A 145 12.67 12.89 -1.35
C LYS A 145 11.59 12.14 -0.60
N ILE A 146 10.33 12.49 -0.86
CA ILE A 146 9.18 11.91 -0.17
C ILE A 146 8.28 11.23 -1.20
N ASN A 147 7.70 10.09 -0.81
CA ASN A 147 6.77 9.36 -1.65
C ASN A 147 5.68 8.77 -0.77
N GLN A 148 4.51 8.53 -1.36
CA GLN A 148 3.43 7.88 -0.63
C GLN A 148 2.56 7.08 -1.58
N TRP A 149 2.12 5.92 -1.11
CA TRP A 149 1.16 5.08 -1.82
C TRP A 149 -0.21 5.31 -1.21
N THR A 150 -1.12 5.88 -2.00
CA THR A 150 -2.46 6.20 -1.50
C THR A 150 -3.43 6.20 -2.67
N SER A 151 -4.71 6.40 -2.34
CA SER A 151 -5.77 6.53 -3.32
C SER A 151 -6.08 8.00 -3.57
N ILE A 152 -6.58 8.30 -4.76
CA ILE A 152 -6.89 9.65 -5.18
C ILE A 152 -8.29 9.66 -5.78
N VAL A 153 -9.07 10.70 -5.43
CA VAL A 153 -10.42 10.89 -5.96
C VAL A 153 -10.39 12.08 -6.90
N ARG A 154 -10.89 11.86 -8.13
CA ARG A 154 -11.06 12.93 -9.11
C ARG A 154 -12.37 12.68 -9.84
N TRP A 155 -13.34 13.57 -9.66
CA TRP A 155 -14.66 13.41 -10.25
C TRP A 155 -14.57 13.80 -11.72
N GLU A 156 -14.23 12.81 -12.55
CA GLU A 156 -14.07 13.06 -13.98
C GLU A 156 -15.41 13.27 -14.65
N PHE A 157 -15.47 14.24 -15.57
CA PHE A 157 -16.71 14.54 -16.28
C PHE A 157 -16.96 13.58 -17.42
N LYS A 158 -15.91 13.10 -18.09
CA LYS A 158 -16.07 12.17 -19.19
C LYS A 158 -16.56 10.81 -18.69
N HIS A 159 -17.05 10.00 -19.62
CA HIS A 159 -17.52 8.67 -19.28
C HIS A 159 -16.36 7.84 -18.75
N PRO A 160 -16.49 7.24 -17.57
CA PRO A 160 -15.35 6.53 -16.97
C PRO A 160 -15.09 5.20 -17.66
N THR A 161 -13.83 4.77 -17.58
CA THR A 161 -13.41 3.48 -18.10
C THR A 161 -12.60 2.78 -17.01
N PRO A 162 -12.87 1.51 -16.71
CA PRO A 162 -12.10 0.80 -15.68
C PRO A 162 -10.60 0.87 -15.95
N PHE A 163 -9.85 1.15 -14.89
CA PHE A 163 -8.40 1.29 -14.89
C PHE A 163 -7.93 2.56 -15.59
N ILE A 164 -8.38 2.80 -16.82
CA ILE A 164 -7.87 3.91 -17.60
C ILE A 164 -8.35 5.24 -17.02
N ARG A 165 -9.65 5.37 -16.76
CA ARG A 165 -10.23 6.61 -16.24
C ARG A 165 -11.27 6.25 -15.19
N THR A 166 -10.84 6.21 -13.93
CA THR A 166 -11.72 5.93 -12.80
C THR A 166 -11.80 7.16 -11.90
N ARG A 167 -12.92 7.28 -11.18
CA ARG A 167 -13.08 8.41 -10.28
C ARG A 167 -12.20 8.25 -9.04
N GLU A 168 -12.07 7.03 -8.53
CA GLU A 168 -11.09 6.72 -7.51
C GLU A 168 -10.08 5.74 -8.10
N PHE A 169 -8.80 6.01 -7.89
CA PHE A 169 -7.75 5.14 -8.38
C PHE A 169 -6.61 5.11 -7.37
N LEU A 170 -5.89 4.00 -7.34
CA LEU A 170 -4.68 3.87 -6.54
C LEU A 170 -3.49 4.39 -7.35
N TRP A 171 -2.58 5.07 -6.67
CA TRP A 171 -1.42 5.61 -7.35
C TRP A 171 -0.25 5.71 -6.38
N GLN A 172 0.84 6.25 -6.89
CA GLN A 172 2.01 6.62 -6.12
C GLN A 172 2.41 8.02 -6.55
N GLU A 173 2.83 8.85 -5.60
CA GLU A 173 3.29 10.20 -5.90
C GLU A 173 4.58 10.48 -5.15
N GLY A 174 5.63 10.80 -5.89
CA GLY A 174 6.90 11.20 -5.32
C GLY A 174 7.08 12.70 -5.45
N HIS A 175 7.63 13.31 -4.40
CA HIS A 175 7.88 14.74 -4.36
C HIS A 175 9.28 14.96 -3.81
N THR A 176 10.12 15.61 -4.60
CA THR A 176 11.51 15.84 -4.22
C THR A 176 11.85 17.32 -4.31
N ALA A 177 12.81 17.73 -3.50
CA ALA A 177 13.31 19.11 -3.48
C ALA A 177 14.83 19.08 -3.54
N HIS A 178 15.41 19.94 -4.37
CA HIS A 178 16.85 19.93 -4.62
C HIS A 178 17.41 21.34 -4.51
N SER A 179 18.74 21.42 -4.37
CA SER A 179 19.41 22.70 -4.26
C SER A 179 19.73 23.32 -5.61
N THR A 180 19.76 22.53 -6.68
CA THR A 180 20.03 23.02 -8.02
C THR A 180 19.01 22.47 -8.99
N ARG A 181 18.73 23.24 -10.05
CA ARG A 181 17.84 22.76 -11.10
C ARG A 181 18.42 21.54 -11.80
N LYS A 182 19.74 21.47 -11.93
CA LYS A 182 20.36 20.34 -12.60
C LYS A 182 20.08 19.04 -11.87
N GLU A 183 20.26 19.03 -10.54
CA GLU A 183 19.99 17.83 -9.76
C GLU A 183 18.52 17.44 -9.82
N ALA A 184 17.63 18.44 -9.86
CA ALA A 184 16.20 18.15 -9.94
C ALA A 184 15.82 17.57 -11.30
N LEU A 185 16.45 18.06 -12.36
CA LEU A 185 16.11 17.59 -13.70
C LEU A 185 16.58 16.15 -13.93
N GLU A 186 17.79 15.81 -13.49
CA GLU A 186 18.23 14.42 -13.62
C GLU A 186 17.45 13.49 -12.71
N MET A 187 16.81 14.03 -11.66
CA MET A 187 15.86 13.23 -10.90
C MET A 187 14.60 12.96 -11.71
N VAL A 188 14.17 13.92 -12.53
CA VAL A 188 13.01 13.72 -13.38
C VAL A 188 13.27 12.61 -14.40
N ASP A 189 14.46 12.61 -14.99
CA ASP A 189 14.78 11.58 -15.99
C ASP A 189 14.90 10.21 -15.36
N ILE A 190 15.30 10.14 -14.09
CA ILE A 190 15.45 8.84 -13.42
C ILE A 190 14.09 8.19 -13.22
N ILE A 191 13.12 8.95 -12.72
CA ILE A 191 11.79 8.40 -12.51
C ILE A 191 11.11 8.08 -13.84
N LEU A 192 11.39 8.86 -14.89
CA LEU A 192 10.81 8.56 -16.19
C LEU A 192 11.33 7.24 -16.74
N ASN A 193 12.63 6.99 -16.58
CA ASN A 193 13.19 5.73 -17.05
C ASN A 193 12.68 4.56 -16.23
N GLU A 194 12.43 4.77 -14.93
CA GLU A 194 11.82 3.72 -14.12
C GLU A 194 10.37 3.51 -14.51
N TYR A 195 9.66 4.59 -14.86
CA TYR A 195 8.30 4.45 -15.38
C TYR A 195 8.30 3.69 -16.69
N ALA A 196 9.24 4.01 -17.58
CA ALA A 196 9.34 3.25 -18.83
C ALA A 196 9.77 1.81 -18.57
N SER A 197 10.49 1.57 -17.47
CA SER A 197 10.89 0.21 -17.14
C SER A 197 9.72 -0.60 -16.60
N ILE A 198 8.79 0.04 -15.89
CA ILE A 198 7.61 -0.65 -15.40
C ILE A 198 6.77 -1.17 -16.56
N TYR A 199 6.54 -0.32 -17.57
CA TYR A 199 5.66 -0.70 -18.66
C TYR A 199 6.30 -1.74 -19.57
N GLU A 200 7.60 -1.62 -19.83
CA GLU A 200 8.29 -2.50 -20.78
C GLU A 200 8.93 -3.72 -20.14
N ASP A 201 9.66 -3.54 -19.04
CA ASP A 201 10.33 -4.67 -18.42
C ASP A 201 9.39 -5.53 -17.58
N LEU A 202 8.31 -4.94 -17.06
CA LEU A 202 7.38 -5.66 -16.20
C LEU A 202 6.05 -5.93 -16.89
N LEU A 203 5.39 -4.89 -17.40
CA LEU A 203 4.09 -5.06 -18.06
C LEU A 203 4.24 -5.44 -19.54
N ALA A 204 5.45 -5.46 -20.08
CA ALA A 204 5.70 -5.79 -21.48
C ALA A 204 4.92 -4.88 -22.43
N THR A 205 4.65 -3.65 -22.00
CA THR A 205 3.89 -2.70 -22.79
C THR A 205 4.82 -1.63 -23.34
N PRO A 206 4.86 -1.41 -24.65
CA PRO A 206 5.76 -0.39 -25.22
C PRO A 206 5.22 1.01 -24.98
N VAL A 207 6.10 1.91 -24.54
CA VAL A 207 5.76 3.31 -24.34
C VAL A 207 6.83 4.17 -24.99
N VAL A 208 6.49 5.43 -25.24
CA VAL A 208 7.37 6.38 -25.93
C VAL A 208 7.75 7.46 -24.92
N LYS A 209 9.03 7.50 -24.55
CA LYS A 209 9.53 8.54 -23.66
C LYS A 209 9.65 9.86 -24.42
N GLY A 210 9.17 10.94 -23.82
CA GLY A 210 9.20 12.22 -24.51
C GLY A 210 8.92 13.36 -23.55
N THR A 211 8.85 14.56 -24.12
CA THR A 211 8.60 15.79 -23.37
C THR A 211 7.27 16.38 -23.79
N LYS A 212 6.44 16.76 -22.82
CA LYS A 212 5.17 17.38 -23.12
C LYS A 212 5.37 18.78 -23.68
N SER A 213 4.39 19.24 -24.45
CA SER A 213 4.42 20.59 -24.96
C SER A 213 4.08 21.58 -23.85
N GLU A 214 4.22 22.88 -24.16
CA GLU A 214 3.90 23.91 -23.18
C GLU A 214 2.42 23.89 -22.84
N ASN A 215 1.56 23.60 -23.83
CA ASN A 215 0.12 23.54 -23.59
C ASN A 215 -0.31 22.23 -22.94
N GLU A 216 0.54 21.21 -22.97
CA GLU A 216 0.20 19.90 -22.42
C GLU A 216 0.94 19.58 -21.13
N LYS A 217 1.82 20.46 -20.67
CA LYS A 217 2.60 20.17 -19.47
C LYS A 217 1.76 20.40 -18.22
N PHE A 218 2.34 20.05 -17.07
CA PHE A 218 1.69 20.27 -15.79
C PHE A 218 1.41 21.76 -15.62
N PRO A 219 0.24 22.14 -15.10
CA PRO A 219 -0.12 23.57 -15.10
C PRO A 219 0.85 24.47 -14.35
N GLY A 220 1.13 24.16 -13.09
CA GLY A 220 2.03 24.99 -12.30
C GLY A 220 3.48 24.58 -12.39
N GLY A 221 3.80 23.75 -13.39
CA GLY A 221 5.14 23.22 -13.54
C GLY A 221 5.99 24.00 -14.54
N ASP A 222 7.23 23.55 -14.67
CA ASP A 222 8.21 24.14 -15.58
C ASP A 222 8.42 23.27 -16.82
N ILE A 223 8.91 22.05 -16.63
CA ILE A 223 9.06 21.08 -17.70
C ILE A 223 8.40 19.78 -17.27
N THR A 224 7.67 19.15 -18.18
CA THR A 224 6.96 17.91 -17.90
C THR A 224 7.35 16.86 -18.93
N LYS A 225 7.90 15.74 -18.46
CA LYS A 225 8.24 14.61 -19.30
C LYS A 225 7.30 13.45 -18.98
N SER A 226 7.02 12.63 -20.00
CA SER A 226 6.02 11.58 -19.84
C SER A 226 6.34 10.43 -20.77
N ILE A 227 5.61 9.33 -20.57
CA ILE A 227 5.64 8.17 -21.45
C ILE A 227 4.25 7.99 -22.04
N GLU A 228 4.17 7.78 -23.35
CA GLU A 228 2.90 7.73 -24.06
C GLU A 228 2.63 6.29 -24.53
N GLY A 229 1.44 5.80 -24.22
CA GLY A 229 0.99 4.52 -24.73
C GLY A 229 -0.08 4.71 -25.78
N PHE A 230 -0.30 3.69 -26.62
CA PHE A 230 -1.25 3.78 -27.70
C PHE A 230 -1.92 2.43 -27.91
N ILE A 231 -3.23 2.47 -28.14
CA ILE A 231 -4.03 1.27 -28.38
C ILE A 231 -4.32 1.19 -29.87
N PRO A 232 -3.69 0.29 -30.63
CA PRO A 232 -3.93 0.26 -32.08
C PRO A 232 -5.35 -0.15 -32.45
N GLU A 233 -6.03 -0.93 -31.61
CA GLU A 233 -7.38 -1.38 -31.94
C GLU A 233 -8.37 -0.22 -31.96
N ILE A 234 -8.41 0.57 -30.89
CA ILE A 234 -9.31 1.71 -30.83
C ILE A 234 -8.75 2.94 -31.52
N GLY A 235 -7.45 2.97 -31.80
CA GLY A 235 -6.86 4.12 -32.45
C GLY A 235 -6.73 5.35 -31.58
N ARG A 236 -6.67 5.18 -30.26
CA ARG A 236 -6.56 6.28 -29.32
C ARG A 236 -5.30 6.13 -28.49
N ALA A 237 -4.65 7.26 -28.19
CA ALA A 237 -3.48 7.25 -27.34
C ALA A 237 -3.88 7.26 -25.87
N VAL A 238 -2.97 6.79 -25.01
CA VAL A 238 -3.17 6.79 -23.57
C VAL A 238 -1.88 7.26 -22.91
N GLN A 239 -1.96 8.33 -22.12
CA GLN A 239 -0.79 8.77 -21.37
C GLN A 239 -0.51 7.78 -20.24
N ALA A 240 0.70 7.26 -20.21
CA ALA A 240 1.06 6.20 -19.27
C ALA A 240 1.47 6.72 -17.90
N ALA A 241 2.42 7.65 -17.85
CA ALA A 241 2.89 8.20 -16.59
C ALA A 241 3.58 9.53 -16.88
N THR A 242 3.72 10.34 -15.82
CA THR A 242 4.29 11.68 -15.95
C THR A 242 5.31 11.93 -14.85
N SER A 243 6.33 12.73 -15.19
CA SER A 243 7.37 13.14 -14.27
C SER A 243 7.64 14.62 -14.49
N HIS A 244 7.29 15.44 -13.50
CA HIS A 244 7.28 16.90 -13.65
C HIS A 244 8.51 17.52 -13.01
N LEU A 245 9.16 18.42 -13.74
CA LEU A 245 10.17 19.32 -13.17
C LEU A 245 9.45 20.59 -12.77
N LEU A 246 9.14 20.72 -11.48
CA LEU A 246 8.41 21.88 -11.01
C LEU A 246 9.27 23.14 -10.95
N GLY A 247 10.59 22.99 -10.91
CA GLY A 247 11.46 24.15 -10.84
C GLY A 247 11.27 24.89 -9.53
N GLN A 248 11.33 26.22 -9.62
CA GLN A 248 11.13 27.09 -8.47
C GLN A 248 9.73 27.69 -8.43
N ASN A 249 8.78 27.12 -9.19
CA ASN A 249 7.43 27.64 -9.23
C ASN A 249 6.70 27.40 -7.91
N PHE A 250 6.59 26.13 -7.51
CA PHE A 250 5.86 25.81 -6.29
C PHE A 250 6.61 26.27 -5.05
N SER A 251 7.93 26.31 -5.09
CA SER A 251 8.69 26.72 -3.93
C SER A 251 8.49 28.20 -3.61
N LYS A 252 8.22 29.02 -4.63
CA LYS A 252 7.94 30.43 -4.39
C LYS A 252 6.53 30.64 -3.86
N MET A 253 5.58 29.80 -4.25
CA MET A 253 4.21 29.95 -3.75
CA MET A 253 4.20 29.93 -3.76
C MET A 253 4.10 29.60 -2.28
N PHE A 254 4.79 28.55 -1.84
CA PHE A 254 4.71 28.09 -0.46
C PHE A 254 5.89 28.54 0.39
N GLY A 255 6.83 29.29 -0.17
CA GLY A 255 7.96 29.77 0.60
C GLY A 255 8.97 28.69 0.93
N VAL A 256 9.10 27.67 0.08
CA VAL A 256 10.09 26.63 0.27
C VAL A 256 11.43 27.13 -0.23
N GLU A 257 12.15 27.88 0.60
CA GLU A 257 13.45 28.42 0.24
C GLU A 257 14.49 27.96 1.25
N PHE A 258 15.70 27.70 0.75
CA PHE A 258 16.82 27.24 1.56
C PHE A 258 17.93 28.28 1.52
N GLU A 259 18.88 28.13 2.43
CA GLU A 259 20.06 28.98 2.49
C GLU A 259 21.23 28.22 1.89
N ASP A 260 21.67 28.65 0.71
CA ASP A 260 22.76 27.99 0.03
C ASP A 260 24.08 28.30 0.74
N GLU A 261 25.14 27.59 0.33
CA GLU A 261 26.48 28.06 0.64
C GLU A 261 26.69 29.42 0.00
N LYS A 262 27.41 30.30 0.71
CA LYS A 262 27.68 31.71 0.46
C LYS A 262 26.64 32.62 1.12
N GLY A 263 25.57 32.07 1.70
CA GLY A 263 24.71 32.80 2.60
C GLY A 263 23.41 33.30 2.00
N ASN A 264 23.30 33.37 0.68
CA ASN A 264 22.10 33.93 0.08
C ASN A 264 20.92 32.96 0.24
N LYS A 265 19.73 33.46 -0.11
CA LYS A 265 18.52 32.66 -0.06
C LYS A 265 18.08 32.30 -1.47
N GLU A 266 17.64 31.06 -1.66
CA GLU A 266 17.25 30.56 -2.96
C GLU A 266 16.06 29.62 -2.81
N TYR A 267 15.10 29.74 -3.72
CA TYR A 267 13.95 28.86 -3.70
C TYR A 267 14.34 27.46 -4.19
N ALA A 268 13.72 26.45 -3.59
CA ALA A 268 14.06 25.06 -3.89
C ALA A 268 13.62 24.67 -5.30
N HIS A 269 14.35 23.70 -5.88
CA HIS A 269 14.01 23.14 -7.18
C HIS A 269 13.33 21.80 -6.94
N GLN A 270 12.03 21.76 -7.20
CA GLN A 270 11.20 20.61 -6.83
C GLN A 270 10.80 19.79 -8.05
N THR A 271 10.48 18.53 -7.79
CA THR A 271 9.91 17.62 -8.78
C THR A 271 8.73 16.89 -8.17
N SER A 272 7.83 16.44 -9.03
CA SER A 272 6.72 15.58 -8.61
C SER A 272 6.42 14.61 -9.74
N TRP A 273 6.10 13.37 -9.38
CA TRP A 273 5.93 12.30 -10.35
C TRP A 273 4.93 11.29 -9.81
N GLY A 274 4.13 10.73 -10.71
CA GLY A 274 3.05 9.84 -10.32
C GLY A 274 2.84 8.72 -11.31
N LEU A 275 2.40 7.57 -10.81
CA LEU A 275 2.01 6.43 -11.61
C LEU A 275 0.78 5.79 -10.99
N THR A 276 -0.25 5.58 -11.80
CA THR A 276 -1.55 5.14 -11.31
C THR A 276 -1.87 3.73 -11.81
N THR A 277 -3.03 3.22 -11.39
CA THR A 277 -3.52 1.92 -11.85
C THR A 277 -3.92 1.91 -13.32
N ARG A 278 -3.77 3.05 -14.01
CA ARG A 278 -4.00 3.07 -15.45
C ARG A 278 -3.05 2.10 -16.17
N ALA A 279 -1.88 1.83 -15.59
CA ALA A 279 -0.93 0.91 -16.21
C ALA A 279 -1.52 -0.48 -16.40
N ILE A 280 -2.38 -0.92 -15.48
CA ILE A 280 -2.99 -2.24 -15.60
C ILE A 280 -3.87 -2.30 -16.84
N GLY A 281 -4.69 -1.27 -17.05
CA GLY A 281 -5.59 -1.28 -18.18
C GLY A 281 -4.88 -1.23 -19.52
N VAL A 282 -3.81 -0.44 -19.62
CA VAL A 282 -3.07 -0.35 -20.86
C VAL A 282 -2.43 -1.70 -21.20
N MET A 283 -1.99 -2.43 -20.17
CA MET A 283 -1.44 -3.77 -20.40
C MET A 283 -2.51 -4.73 -20.89
N ILE A 284 -3.69 -4.70 -20.27
CA ILE A 284 -4.78 -5.59 -20.67
C ILE A 284 -5.12 -5.39 -22.14
N MET A 285 -5.29 -4.12 -22.54
CA MET A 285 -5.64 -3.81 -23.92
C MET A 285 -4.49 -4.11 -24.88
N THR A 286 -3.26 -4.21 -24.38
CA THR A 286 -2.12 -4.43 -25.25
C THR A 286 -1.98 -5.90 -25.65
N HIS A 287 -2.16 -6.82 -24.69
CA HIS A 287 -1.86 -8.22 -24.92
C HIS A 287 -3.09 -9.11 -25.12
N GLY A 288 -4.26 -8.69 -24.64
CA GLY A 288 -5.43 -9.55 -24.68
C GLY A 288 -5.85 -9.89 -26.10
N ASP A 289 -6.58 -10.98 -26.22
CA ASP A 289 -7.11 -11.43 -27.51
C ASP A 289 -8.60 -11.76 -27.33
N ASN A 290 -9.12 -12.61 -28.22
CA ASN A 290 -10.52 -13.00 -28.18
C ASN A 290 -10.82 -14.12 -27.19
N LYS A 291 -9.80 -14.69 -26.55
CA LYS A 291 -10.03 -15.68 -25.50
C LYS A 291 -10.11 -15.06 -24.11
N GLY A 292 -9.62 -13.85 -23.94
CA GLY A 292 -9.63 -13.20 -22.64
C GLY A 292 -8.31 -12.55 -22.31
N LEU A 293 -7.95 -12.55 -21.03
CA LEU A 293 -6.70 -11.95 -20.60
C LEU A 293 -5.50 -12.69 -21.17
N VAL A 294 -4.45 -11.94 -21.47
CA VAL A 294 -3.12 -12.46 -21.76
C VAL A 294 -2.16 -11.66 -20.90
N LEU A 295 -1.66 -12.28 -19.84
CA LEU A 295 -0.85 -11.55 -18.88
C LEU A 295 0.63 -11.89 -19.03
N PRO A 296 1.51 -10.89 -18.96
CA PRO A 296 2.95 -11.18 -18.93
C PRO A 296 3.30 -11.94 -17.66
N PRO A 297 4.20 -12.93 -17.76
CA PRO A 297 4.47 -13.78 -16.59
C PRO A 297 4.96 -13.04 -15.37
N LYS A 298 5.58 -11.86 -15.54
CA LYS A 298 6.11 -11.12 -14.40
C LYS A 298 5.02 -10.53 -13.51
N VAL A 299 3.78 -10.43 -14.00
CA VAL A 299 2.66 -9.96 -13.19
C VAL A 299 1.49 -10.93 -13.18
N ALA A 300 1.63 -12.11 -13.80
CA ALA A 300 0.54 -13.08 -13.81
C ALA A 300 0.33 -13.65 -12.40
N PRO A 301 -0.88 -13.58 -11.84
CA PRO A 301 -1.10 -14.14 -10.50
C PRO A 301 -0.82 -15.63 -10.42
N VAL A 302 -1.07 -16.37 -11.50
CA VAL A 302 -0.75 -17.79 -11.58
C VAL A 302 -0.08 -18.00 -12.94
N GLN A 303 1.20 -18.38 -12.92
CA GLN A 303 1.92 -18.59 -14.16
C GLN A 303 1.66 -19.97 -14.75
N VAL A 304 1.46 -20.98 -13.91
CA VAL A 304 1.22 -22.34 -14.35
C VAL A 304 0.03 -22.89 -13.58
N ILE A 305 -0.97 -23.40 -14.30
CA ILE A 305 -2.11 -24.08 -13.70
C ILE A 305 -2.03 -25.54 -14.09
N ILE A 306 -2.09 -26.42 -13.10
CA ILE A 306 -1.98 -27.86 -13.31
C ILE A 306 -3.38 -28.44 -13.32
N ILE A 307 -3.77 -29.00 -14.46
CA ILE A 307 -5.10 -29.53 -14.67
C ILE A 307 -4.99 -31.03 -14.90
N PRO A 308 -5.19 -31.85 -13.85
CA PRO A 308 -5.21 -33.30 -14.05
C PRO A 308 -6.49 -33.73 -14.72
N ILE A 309 -6.36 -34.65 -15.68
CA ILE A 309 -7.50 -35.14 -16.45
C ILE A 309 -8.39 -35.98 -15.55
N ILE A 310 -9.45 -35.39 -15.04
CA ILE A 310 -10.37 -36.08 -14.13
C ILE A 310 -11.73 -35.40 -14.22
N PHE A 311 -12.78 -36.22 -14.26
CA PHE A 311 -14.16 -35.73 -14.31
C PHE A 311 -14.99 -36.51 -13.31
N LYS A 312 -15.70 -35.80 -12.44
CA LYS A 312 -16.62 -36.37 -11.46
C LYS A 312 -15.92 -37.26 -10.44
N THR A 313 -15.19 -38.27 -10.90
CA THR A 313 -14.48 -39.14 -9.99
C THR A 313 -13.37 -38.38 -9.26
N VAL A 314 -12.99 -38.90 -8.09
CA VAL A 314 -11.91 -38.27 -7.34
C VAL A 314 -10.58 -38.45 -8.06
N ILE A 315 -9.61 -37.63 -7.68
CA ILE A 315 -8.29 -37.69 -8.30
C ILE A 315 -7.54 -38.89 -7.72
N THR A 316 -6.85 -39.62 -8.60
CA THR A 316 -6.18 -40.86 -8.16
C THR A 316 -4.94 -40.54 -7.35
N GLU A 317 -4.46 -41.55 -6.63
CA GLU A 317 -3.25 -41.37 -5.82
C GLU A 317 -2.04 -41.11 -6.69
N GLU A 318 -2.00 -41.65 -7.90
CA GLU A 318 -0.89 -41.39 -8.80
C GLU A 318 -0.98 -39.99 -9.40
N GLN A 319 -2.19 -39.53 -9.71
CA GLN A 319 -2.35 -38.16 -10.21
C GLN A 319 -2.02 -37.14 -9.13
N LYS A 320 -2.44 -37.40 -7.89
CA LYS A 320 -2.11 -36.50 -6.79
C LYS A 320 -0.61 -36.52 -6.50
N LYS A 321 0.05 -37.64 -6.73
CA LYS A 321 1.49 -37.71 -6.50
C LYS A 321 2.25 -36.96 -7.58
N ILE A 322 1.82 -37.06 -8.83
CA ILE A 322 2.49 -36.36 -9.93
C ILE A 322 2.27 -34.86 -9.82
N CYS A 323 1.01 -34.44 -9.62
CA CYS A 323 0.71 -33.02 -9.57
C CYS A 323 1.39 -32.35 -8.38
N ASN A 324 1.61 -33.08 -7.29
CA ASN A 324 2.24 -32.47 -6.12
C ASN A 324 3.73 -32.23 -6.34
N GLU A 325 4.42 -33.19 -6.96
CA GLU A 325 5.85 -33.00 -7.19
C GLU A 325 6.11 -31.98 -8.29
N VAL A 326 5.24 -31.90 -9.29
CA VAL A 326 5.37 -30.86 -10.31
C VAL A 326 5.18 -29.49 -9.68
N GLU A 327 4.17 -29.37 -8.80
CA GLU A 327 4.00 -28.12 -8.07
C GLU A 327 5.18 -27.85 -7.15
N CYS A 328 5.75 -28.92 -6.58
CA CYS A 328 6.89 -28.76 -5.68
C CYS A 328 8.12 -28.26 -6.42
N ILE A 329 8.37 -28.78 -7.62
CA ILE A 329 9.50 -28.31 -8.42
C ILE A 329 9.31 -26.85 -8.83
N LEU A 330 8.08 -26.49 -9.23
CA LEU A 330 7.85 -25.12 -9.69
C LEU A 330 7.87 -24.13 -8.54
N LYS A 331 7.40 -24.54 -7.35
CA LYS A 331 7.47 -23.66 -6.19
C LYS A 331 8.91 -23.37 -5.80
N LYS A 332 9.77 -24.40 -5.83
CA LYS A 332 11.16 -24.20 -5.48
C LYS A 332 11.91 -23.39 -6.54
N ALA A 333 11.43 -23.43 -7.78
CA ALA A 333 12.04 -22.70 -8.88
C ALA A 333 11.56 -21.26 -8.98
N GLY A 334 10.73 -20.81 -8.04
CA GLY A 334 10.25 -19.44 -8.07
C GLY A 334 9.03 -19.20 -8.92
N VAL A 335 8.44 -20.25 -9.49
CA VAL A 335 7.25 -20.13 -10.32
C VAL A 335 6.03 -20.29 -9.42
N ARG A 336 5.06 -19.38 -9.57
CA ARG A 336 3.82 -19.47 -8.82
C ARG A 336 2.85 -20.36 -9.58
N VAL A 337 2.40 -21.43 -8.93
CA VAL A 337 1.67 -22.51 -9.58
C VAL A 337 0.54 -22.97 -8.66
N LYS A 338 -0.61 -23.29 -9.25
CA LYS A 338 -1.74 -23.87 -8.54
C LYS A 338 -2.23 -25.10 -9.27
N ILE A 339 -2.83 -26.01 -8.51
CA ILE A 339 -3.42 -27.24 -9.07
C ILE A 339 -4.93 -27.11 -9.01
N ASP A 340 -5.59 -27.41 -10.13
CA ASP A 340 -7.04 -27.36 -10.23
C ASP A 340 -7.54 -28.81 -10.30
N ASP A 341 -7.75 -29.42 -9.13
CA ASP A 341 -8.24 -30.79 -9.04
C ASP A 341 -9.76 -30.84 -8.85
N ARG A 342 -10.47 -29.78 -9.22
CA ARG A 342 -11.91 -29.73 -9.04
C ARG A 342 -12.60 -30.70 -10.00
N SER A 343 -13.18 -31.76 -9.45
CA SER A 343 -13.94 -32.70 -10.26
C SER A 343 -15.32 -32.17 -10.64
N ASN A 344 -15.63 -30.92 -10.28
CA ASN A 344 -16.95 -30.37 -10.59
C ASN A 344 -17.09 -30.04 -12.07
N TYR A 345 -16.01 -29.58 -12.70
CA TYR A 345 -16.04 -29.14 -14.08
C TYR A 345 -15.20 -30.06 -14.96
N THR A 346 -15.56 -30.10 -16.24
CA THR A 346 -14.82 -30.89 -17.22
C THR A 346 -13.47 -30.24 -17.51
N PRO A 347 -12.50 -31.02 -18.01
CA PRO A 347 -11.21 -30.40 -18.39
C PRO A 347 -11.36 -29.29 -19.42
N GLY A 348 -12.29 -29.42 -20.35
CA GLY A 348 -12.53 -28.35 -21.30
C GLY A 348 -13.02 -27.08 -20.63
N TRP A 349 -13.82 -27.23 -19.57
CA TRP A 349 -14.24 -26.06 -18.80
C TRP A 349 -13.06 -25.38 -18.14
N LYS A 350 -12.16 -26.16 -17.54
CA LYS A 350 -11.02 -25.58 -16.84
C LYS A 350 -10.06 -24.88 -17.80
N TYR A 351 -9.91 -25.42 -19.03
CA TYR A 351 -9.04 -24.78 -20.01
C TYR A 351 -9.49 -23.36 -20.29
N ASN A 352 -10.76 -23.19 -20.66
CA ASN A 352 -11.27 -21.86 -20.97
C ASN A 352 -11.25 -20.96 -19.74
N HIS A 353 -11.50 -21.54 -18.56
CA HIS A 353 -11.53 -20.74 -17.33
C HIS A 353 -10.19 -20.06 -17.08
N TRP A 354 -9.10 -20.84 -17.08
CA TRP A 354 -7.79 -20.28 -16.82
C TRP A 354 -7.21 -19.55 -18.03
N GLU A 355 -7.74 -19.79 -19.23
CA GLU A 355 -7.31 -19.01 -20.38
C GLU A 355 -7.94 -17.62 -20.36
N VAL A 356 -9.18 -17.51 -19.90
CA VAL A 356 -9.84 -16.21 -19.82
C VAL A 356 -9.09 -15.28 -18.88
N LYS A 357 -8.62 -15.81 -17.75
CA LYS A 357 -7.87 -15.00 -16.79
C LYS A 357 -6.37 -15.03 -17.03
N GLY A 358 -5.94 -15.50 -18.20
CA GLY A 358 -4.57 -15.31 -18.66
C GLY A 358 -3.48 -16.03 -17.90
N VAL A 359 -3.66 -17.30 -17.59
CA VAL A 359 -2.58 -18.12 -17.06
C VAL A 359 -1.62 -18.46 -18.18
N CYS A 360 -0.32 -18.18 -17.97
CA CYS A 360 0.65 -18.27 -19.06
C CYS A 360 0.72 -19.69 -19.62
N LEU A 361 0.76 -20.70 -18.74
CA LEU A 361 0.94 -22.08 -19.16
C LEU A 361 -0.01 -22.96 -18.38
N ARG A 362 -0.55 -23.98 -19.04
CA ARG A 362 -1.35 -25.00 -18.39
C ARG A 362 -0.71 -26.36 -18.61
N PHE A 363 -0.81 -27.23 -17.61
CA PHE A 363 -0.23 -28.57 -17.67
C PHE A 363 -1.37 -29.58 -17.69
N GLU A 364 -1.50 -30.30 -18.81
CA GLU A 364 -2.45 -31.38 -18.93
C GLU A 364 -1.78 -32.66 -18.46
N VAL A 365 -2.31 -33.25 -17.38
CA VAL A 365 -1.72 -34.44 -16.77
C VAL A 365 -2.70 -35.59 -16.97
N GLY A 366 -2.40 -36.47 -17.93
CA GLY A 366 -3.20 -37.64 -18.16
C GLY A 366 -2.47 -38.92 -17.77
N PRO A 367 -3.13 -40.07 -17.95
CA PRO A 367 -2.46 -41.34 -17.63
C PRO A 367 -1.22 -41.59 -18.46
N ARG A 368 -1.20 -41.15 -19.72
CA ARG A 368 -0.01 -41.32 -20.55
C ARG A 368 1.13 -40.44 -20.07
N ASP A 369 0.83 -39.26 -19.52
CA ASP A 369 1.88 -38.39 -19.01
C ASP A 369 2.51 -38.95 -17.74
N ILE A 370 1.73 -39.64 -16.91
CA ILE A 370 2.29 -40.24 -15.70
C ILE A 370 3.15 -41.45 -16.04
N GLU A 371 2.84 -42.15 -17.14
CA GLU A 371 3.64 -43.31 -17.52
C GLU A 371 5.00 -42.89 -18.08
N LYS A 372 5.04 -41.81 -18.85
CA LYS A 372 6.28 -41.30 -19.40
C LYS A 372 7.02 -40.35 -18.46
N ARG A 373 6.45 -40.08 -17.28
CA ARG A 373 7.00 -39.11 -16.33
C ARG A 373 7.29 -37.77 -17.01
N SER A 374 6.37 -37.34 -17.86
CA SER A 374 6.41 -36.04 -18.51
C SER A 374 5.08 -35.34 -18.29
N VAL A 375 4.97 -34.12 -18.79
CA VAL A 375 3.73 -33.35 -18.72
C VAL A 375 3.50 -32.67 -20.06
N ARG A 376 2.23 -32.41 -20.36
CA ARG A 376 1.83 -31.70 -21.56
C ARG A 376 1.65 -30.23 -21.23
N VAL A 377 2.34 -29.37 -21.98
CA VAL A 377 2.33 -27.92 -21.74
C VAL A 377 1.66 -27.24 -22.93
N VAL A 378 0.73 -26.34 -22.64
CA VAL A 378 0.05 -25.53 -23.64
C VAL A 378 0.28 -24.07 -23.27
N VAL A 379 0.82 -23.31 -24.22
CA VAL A 379 1.14 -21.90 -24.01
C VAL A 379 -0.09 -21.06 -24.33
N ARG A 380 -0.32 -20.02 -23.53
CA ARG A 380 -1.58 -19.29 -23.60
C ARG A 380 -1.68 -18.43 -24.86
N ASP A 381 -0.64 -17.66 -25.16
CA ASP A 381 -0.76 -16.63 -26.19
C ASP A 381 -0.70 -17.19 -27.60
N ASN A 382 0.04 -18.27 -27.83
CA ASN A 382 0.23 -18.80 -29.17
C ASN A 382 -0.19 -20.26 -29.33
N MET A 383 -0.76 -20.88 -28.30
CA MET A 383 -1.23 -22.26 -28.35
C MET A 383 -0.11 -23.24 -28.70
N GLU A 384 1.12 -22.92 -28.31
CA GLU A 384 2.23 -23.81 -28.55
C GLU A 384 2.12 -25.03 -27.63
N LYS A 385 2.27 -26.22 -28.22
CA LYS A 385 2.13 -27.47 -27.48
C LYS A 385 3.46 -28.24 -27.50
N MET A 386 3.79 -28.84 -26.37
CA MET A 386 5.08 -29.50 -26.24
C MET A 386 5.05 -30.44 -25.02
N ASP A 387 5.84 -31.51 -25.11
CA ASP A 387 6.04 -32.41 -23.99
C ASP A 387 7.37 -32.10 -23.32
N ILE A 388 7.34 -31.92 -21.99
CA ILE A 388 8.52 -31.65 -21.21
C ILE A 388 8.63 -32.74 -20.14
N PRO A 389 9.74 -33.46 -20.05
CA PRO A 389 9.92 -34.41 -18.94
C PRO A 389 9.96 -33.68 -17.60
N ILE A 390 9.59 -34.40 -16.54
CA ILE A 390 9.59 -33.82 -15.20
C ILE A 390 11.02 -33.46 -14.78
N SER A 391 12.00 -34.23 -15.23
CA SER A 391 13.40 -33.97 -14.89
C SER A 391 13.92 -32.66 -15.46
N GLU A 392 13.19 -32.03 -16.38
CA GLU A 392 13.63 -30.79 -17.00
C GLU A 392 12.75 -29.59 -16.66
N LEU A 393 11.77 -29.76 -15.76
CA LEU A 393 10.86 -28.65 -15.47
C LEU A 393 11.56 -27.51 -14.76
N GLU A 394 12.51 -27.83 -13.88
CA GLU A 394 13.17 -26.78 -13.10
C GLU A 394 13.93 -25.81 -13.99
N SER A 395 14.37 -26.25 -15.15
CA SER A 395 15.14 -25.43 -16.08
C SER A 395 14.32 -24.88 -17.24
N LYS A 396 13.50 -25.71 -17.87
CA LYS A 396 12.81 -25.30 -19.10
C LYS A 396 11.69 -24.31 -18.84
N ILE A 397 10.96 -24.49 -17.74
CA ILE A 397 9.76 -23.68 -17.47
C ILE A 397 10.13 -22.25 -17.13
N PRO A 398 11.19 -21.98 -16.35
CA PRO A 398 11.64 -20.58 -16.24
C PRO A 398 12.02 -19.99 -17.58
N LYS A 399 12.61 -20.78 -18.48
CA LYS A 399 12.95 -20.28 -19.81
C LYS A 399 11.70 -19.98 -20.63
N LEU A 400 10.67 -20.85 -20.53
CA LEU A 400 9.45 -20.61 -21.26
C LEU A 400 8.76 -19.32 -20.82
N LEU A 401 8.72 -19.08 -19.51
CA LEU A 401 8.16 -17.82 -19.01
C LEU A 401 8.99 -16.63 -19.44
N GLU A 402 10.31 -16.80 -19.56
CA GLU A 402 11.15 -15.73 -20.09
C GLU A 402 10.86 -15.51 -21.57
N GLU A 403 10.70 -16.58 -22.34
CA GLU A 403 10.33 -16.45 -23.74
C GLU A 403 8.94 -15.86 -23.90
N PHE A 404 8.03 -16.18 -22.97
CA PHE A 404 6.69 -15.60 -23.00
C PHE A 404 6.75 -14.08 -22.84
N GLN A 405 7.50 -13.61 -21.84
CA GLN A 405 7.60 -12.18 -21.59
C GLN A 405 8.24 -11.46 -22.77
N ASN A 406 9.30 -12.04 -23.34
CA ASN A 406 9.99 -11.41 -24.46
C ASN A 406 9.11 -11.38 -25.70
N ARG A 407 8.30 -12.42 -25.92
CA ARG A 407 7.44 -12.46 -27.09
C ARG A 407 6.34 -11.39 -27.01
N LEU A 408 5.78 -11.17 -25.82
CA LEU A 408 4.73 -10.17 -25.68
C LEU A 408 5.26 -8.77 -25.97
N LEU A 409 6.43 -8.43 -25.42
CA LEU A 409 7.00 -7.11 -25.66
C LEU A 409 7.38 -6.92 -27.11
N PHE A 410 7.94 -7.96 -27.74
CA PHE A 410 8.36 -7.84 -29.13
C PHE A 410 7.17 -7.66 -30.06
N LYS A 411 6.13 -8.48 -29.89
CA LYS A 411 4.96 -8.37 -30.75
C LYS A 411 4.21 -7.07 -30.51
N ALA A 412 4.19 -6.58 -29.27
CA ALA A 412 3.52 -5.31 -29.00
C ALA A 412 4.32 -4.12 -29.50
N LYS A 413 5.66 -4.22 -29.47
CA LYS A 413 6.49 -3.11 -29.94
C LYS A 413 6.39 -2.94 -31.45
N GLN A 414 6.31 -4.05 -32.19
CA GLN A 414 6.15 -3.94 -33.64
C GLN A 414 4.75 -3.51 -34.03
N ARG A 415 3.78 -3.56 -33.12
CA ARG A 415 2.48 -2.96 -33.38
C ARG A 415 2.48 -1.47 -33.08
N GLN A 416 3.34 -1.01 -32.16
CA GLN A 416 3.43 0.42 -31.89
C GLN A 416 4.16 1.14 -33.02
N ASN A 417 5.28 0.59 -33.47
CA ASN A 417 5.98 1.16 -34.61
C ASN A 417 5.11 1.15 -35.86
N GLU A 418 4.25 0.14 -36.00
CA GLU A 418 3.32 0.08 -37.12
C GLU A 418 2.25 1.17 -37.03
N SER A 419 1.98 1.68 -35.83
CA SER A 419 0.92 2.67 -35.60
C SER A 419 1.42 4.10 -35.68
N ILE A 420 2.69 4.31 -36.03
CA ILE A 420 3.27 5.65 -36.14
C ILE A 420 3.57 5.92 -37.60
N ILE A 421 2.99 6.98 -38.15
CA ILE A 421 3.12 7.34 -39.55
C ILE A 421 3.74 8.73 -39.63
N ARG A 422 4.78 8.87 -40.46
CA ARG A 422 5.41 10.16 -40.67
C ARG A 422 4.61 10.99 -41.65
N VAL A 423 4.27 12.21 -41.24
CA VAL A 423 3.51 13.15 -42.07
C VAL A 423 4.26 14.48 -42.10
N ASP A 424 4.30 15.12 -43.27
CA ASP A 424 4.94 16.41 -43.41
C ASP A 424 4.01 17.54 -43.78
N THR A 425 2.80 17.25 -44.26
CA THR A 425 1.83 18.27 -44.65
C THR A 425 0.48 17.96 -44.02
N PHE A 426 -0.25 19.02 -43.67
CA PHE A 426 -1.54 18.84 -42.99
C PHE A 426 -2.58 18.20 -43.89
N ASP A 427 -2.34 18.15 -45.21
CA ASP A 427 -3.31 17.55 -46.11
C ASP A 427 -3.44 16.04 -45.92
N LYS A 428 -2.33 15.38 -45.57
CA LYS A 428 -2.33 13.94 -45.34
C LYS A 428 -2.45 13.58 -43.86
N VAL A 429 -2.86 14.53 -43.02
CA VAL A 429 -2.96 14.27 -41.59
C VAL A 429 -4.26 13.56 -41.26
N MET A 430 -5.38 14.07 -41.78
CA MET A 430 -6.68 13.49 -41.44
C MET A 430 -6.81 12.05 -41.91
N ASP A 431 -6.35 11.76 -43.14
CA ASP A 431 -6.46 10.41 -43.67
C ASP A 431 -5.68 9.41 -42.82
N THR A 432 -4.59 9.86 -42.18
CA THR A 432 -3.79 8.95 -41.37
C THR A 432 -4.47 8.65 -40.04
N LEU A 433 -5.13 9.65 -39.45
CA LEU A 433 -5.72 9.47 -38.13
C LEU A 433 -6.87 8.48 -38.16
N ASN A 434 -7.71 8.54 -39.21
CA ASN A 434 -8.82 7.61 -39.32
C ASN A 434 -8.36 6.17 -39.51
N GLN A 435 -7.12 5.97 -39.95
CA GLN A 435 -6.49 4.65 -39.99
C GLN A 435 -6.12 4.12 -38.62
N LYS A 436 -6.51 4.82 -37.55
CA LYS A 436 -6.22 4.41 -36.17
C LYS A 436 -4.71 4.34 -35.94
N LYS A 437 -4.01 5.40 -36.36
CA LYS A 437 -2.57 5.49 -36.23
C LYS A 437 -2.19 6.88 -35.78
N MET A 438 -1.04 6.97 -35.10
CA MET A 438 -0.51 8.24 -34.65
C MET A 438 0.28 8.93 -35.76
N VAL A 439 0.60 10.20 -35.54
CA VAL A 439 1.30 11.02 -36.52
C VAL A 439 2.55 11.58 -35.87
N ILE A 440 3.69 11.41 -36.54
CA ILE A 440 4.94 12.06 -36.18
C ILE A 440 5.27 13.06 -37.29
N ALA A 441 5.50 14.32 -36.91
CA ALA A 441 5.58 15.39 -37.88
C ALA A 441 6.49 16.49 -37.37
N PRO A 442 7.12 17.26 -38.25
CA PRO A 442 7.85 18.45 -37.80
C PRO A 442 6.88 19.50 -37.30
N TRP A 443 7.25 20.14 -36.19
CA TRP A 443 6.34 21.05 -35.50
C TRP A 443 7.14 22.16 -34.85
N CYS A 444 6.54 23.35 -34.77
CA CYS A 444 7.20 24.51 -34.16
C CYS A 444 7.05 24.54 -32.65
N GLU A 445 6.21 23.68 -32.07
CA GLU A 445 6.00 23.56 -30.62
C GLU A 445 5.41 24.82 -29.99
N ASP A 446 4.76 25.66 -30.77
CA ASP A 446 4.11 26.85 -30.23
C ASP A 446 2.71 26.52 -29.73
N VAL A 447 2.28 27.23 -28.69
CA VAL A 447 0.95 27.02 -28.14
C VAL A 447 -0.11 27.44 -29.14
N SER A 448 0.14 28.51 -29.89
CA SER A 448 -0.82 28.96 -30.88
C SER A 448 -1.00 27.91 -31.98
N CYS A 449 0.09 27.30 -32.44
CA CYS A 449 -0.01 26.28 -33.48
C CYS A 449 -0.78 25.07 -33.00
N GLU A 450 -0.60 24.68 -31.73
CA GLU A 450 -1.30 23.53 -31.20
C GLU A 450 -2.79 23.80 -31.02
N GLU A 451 -3.16 25.03 -30.67
CA GLU A 451 -4.57 25.37 -30.51
C GLU A 451 -5.32 25.27 -31.84
N GLU A 452 -4.67 25.66 -32.94
CA GLU A 452 -5.30 25.56 -34.24
C GLU A 452 -5.30 24.13 -34.77
N ILE A 453 -4.35 23.30 -34.33
CA ILE A 453 -4.32 21.90 -34.75
C ILE A 453 -5.50 21.15 -34.13
N LYS A 454 -5.75 21.37 -32.84
CA LYS A 454 -6.86 20.69 -32.18
C LYS A 454 -8.20 21.19 -32.69
N LYS A 455 -8.27 22.44 -33.14
CA LYS A 455 -9.53 22.97 -33.66
C LYS A 455 -9.84 22.44 -35.05
N GLU A 456 -8.83 22.37 -35.92
CA GLU A 456 -9.04 21.88 -37.27
C GLU A 456 -9.25 20.37 -37.30
N THR A 457 -8.49 19.63 -36.49
CA THR A 457 -8.65 18.18 -36.44
C THR A 457 -10.01 17.78 -35.87
N ALA A 458 -10.57 18.61 -34.99
CA ALA A 458 -11.89 18.31 -34.45
C ALA A 458 -13.00 18.69 -35.42
N ARG A 459 -12.82 19.75 -36.20
CA ARG A 459 -13.83 20.14 -37.17
C ARG A 459 -13.96 19.10 -38.27
N LEU A 460 -12.88 18.41 -38.61
CA LEU A 460 -12.90 17.41 -39.67
C LEU A 460 -13.12 16.01 -39.10
N ALA A 473 -10.47 15.26 -32.38
CA ALA A 473 -9.37 16.22 -32.40
C ALA A 473 -8.10 15.59 -31.85
N MET A 474 -6.96 15.88 -32.49
CA MET A 474 -5.68 15.35 -32.07
C MET A 474 -4.85 16.43 -31.40
N LYS A 475 -4.03 16.02 -30.43
CA LYS A 475 -3.14 16.92 -29.72
C LYS A 475 -1.75 16.32 -29.69
N SER A 476 -0.78 17.13 -29.26
CA SER A 476 0.59 16.65 -29.13
C SER A 476 0.68 15.66 -27.98
N LEU A 477 1.03 14.41 -28.30
CA LEU A 477 1.19 13.41 -27.26
C LEU A 477 2.45 13.66 -26.44
N CYS A 478 3.59 13.77 -27.13
CA CYS A 478 4.85 14.12 -26.47
C CYS A 478 5.87 14.44 -27.55
N ILE A 479 6.92 15.16 -27.15
CA ILE A 479 8.06 15.42 -28.02
C ILE A 479 9.08 14.32 -27.77
N PRO A 480 9.22 13.33 -28.67
CA PRO A 480 10.03 12.15 -28.37
C PRO A 480 11.48 12.49 -28.07
N ASN A 481 12.03 11.82 -27.06
CA ASN A 481 13.44 11.99 -26.73
C ASN A 481 14.32 11.48 -27.86
N ASP A 482 13.91 10.39 -28.51
CA ASP A 482 14.65 9.79 -29.60
C ASP A 482 14.11 10.33 -30.93
N GLN A 483 14.90 11.17 -31.59
CA GLN A 483 14.52 11.78 -32.85
C GLN A 483 15.05 10.93 -34.00
N ILE A 484 14.20 10.09 -34.58
CA ILE A 484 14.62 9.23 -35.68
C ILE A 484 14.74 9.99 -37.00
N PHE A 485 14.04 11.11 -37.15
CA PHE A 485 14.04 11.88 -38.38
C PHE A 485 14.82 13.16 -38.20
N LYS A 486 15.64 13.50 -39.19
CA LYS A 486 16.45 14.70 -39.14
C LYS A 486 15.72 15.89 -39.75
N ILE A 487 16.03 17.08 -39.24
CA ILE A 487 15.41 18.32 -39.69
C ILE A 487 16.51 19.23 -40.20
N GLU A 488 16.44 19.59 -41.48
CA GLU A 488 17.42 20.49 -42.06
C GLU A 488 17.31 21.88 -41.45
N GLU A 489 18.43 22.39 -40.94
CA GLU A 489 18.44 23.67 -40.24
C GLU A 489 18.07 24.80 -41.18
N GLY A 490 16.95 25.47 -40.90
CA GLY A 490 16.51 26.63 -41.64
C GLY A 490 15.49 26.34 -42.72
N LYS A 491 15.54 25.15 -43.32
CA LYS A 491 14.67 24.83 -44.45
C LYS A 491 13.39 24.12 -44.02
N THR A 492 13.51 23.14 -43.12
CA THR A 492 12.36 22.32 -42.74
C THR A 492 11.28 23.17 -42.08
N LYS A 493 10.04 23.03 -42.56
CA LYS A 493 8.93 23.82 -42.10
C LYS A 493 7.92 22.96 -41.35
N CYS A 494 7.14 23.61 -40.50
CA CYS A 494 6.13 22.93 -39.70
C CYS A 494 5.12 22.23 -40.61
N PHE A 495 4.54 21.14 -40.09
CA PHE A 495 3.49 20.45 -40.83
C PHE A 495 2.17 21.20 -40.80
N PHE A 496 2.07 22.28 -40.03
CA PHE A 496 0.87 23.08 -39.92
C PHE A 496 1.23 24.55 -40.08
N CYS A 497 0.52 25.24 -40.97
CA CYS A 497 0.77 26.65 -41.28
C CYS A 497 2.22 26.77 -41.76
N ASP A 498 3.00 27.73 -41.26
CA ASP A 498 4.38 27.89 -41.71
C ASP A 498 5.17 28.57 -40.60
N LYS A 499 6.16 27.86 -40.07
CA LYS A 499 7.07 28.38 -39.06
C LYS A 499 8.25 27.43 -38.94
N LEU A 500 9.38 27.96 -38.48
CA LEU A 500 10.59 27.18 -38.33
C LEU A 500 10.39 26.05 -37.34
N ALA A 501 10.35 24.82 -37.84
CA ALA A 501 10.13 23.66 -36.97
C ALA A 501 11.35 23.37 -36.11
N LYS A 502 11.11 23.09 -34.83
CA LYS A 502 12.20 22.75 -33.92
C LYS A 502 12.64 21.31 -34.11
N LYS A 503 11.70 20.36 -33.97
CA LYS A 503 11.99 18.96 -34.24
C LYS A 503 10.67 18.25 -34.55
N PHE A 504 10.62 16.95 -34.30
CA PHE A 504 9.45 16.15 -34.61
C PHE A 504 8.67 15.84 -33.34
N THR A 505 7.34 15.86 -33.46
CA THR A 505 6.44 15.67 -32.33
C THR A 505 5.40 14.61 -32.66
N LEU A 506 5.06 13.78 -31.68
CA LEU A 506 4.08 12.71 -31.85
C LEU A 506 2.68 13.25 -31.54
N PHE A 507 1.75 13.01 -32.45
CA PHE A 507 0.38 13.50 -32.33
C PHE A 507 -0.59 12.33 -32.35
N GLY A 508 -1.87 12.64 -32.15
CA GLY A 508 -2.92 11.63 -32.18
C GLY A 508 -4.04 11.99 -31.23
N ARG A 509 -5.11 11.22 -31.33
CA ARG A 509 -6.24 11.34 -30.42
C ARG A 509 -6.01 10.47 -29.20
N SER A 510 -6.53 10.93 -28.06
CA SER A 510 -6.33 10.24 -26.79
C SER A 510 -7.60 9.48 -26.41
N TYR A 511 -7.58 8.89 -25.22
CA TYR A 511 -8.70 8.08 -24.73
C TYR A 511 -9.55 8.89 -23.78
N SER B 14 18.95 20.79 27.13
CA SER B 14 18.60 21.93 26.29
C SER B 14 17.13 21.88 25.88
N LEU B 15 16.73 22.79 24.99
CA LEU B 15 15.37 22.82 24.49
C LEU B 15 15.12 21.83 23.36
N LEU B 16 16.16 21.15 22.87
CA LEU B 16 16.01 20.12 21.85
C LEU B 16 15.85 18.73 22.45
N GLY B 17 15.69 18.63 23.77
CA GLY B 17 15.37 17.39 24.43
C GLY B 17 13.91 17.32 24.82
N ILE B 18 13.61 16.43 25.76
CA ILE B 18 12.24 16.23 26.25
C ILE B 18 12.11 16.98 27.57
N THR B 19 11.35 18.07 27.55
CA THR B 19 11.19 18.90 28.74
C THR B 19 10.18 18.30 29.72
N ALA B 20 9.07 17.78 29.21
CA ALA B 20 8.00 17.26 30.06
C ALA B 20 8.36 15.88 30.62
N ASP B 21 7.85 15.60 31.80
CA ASP B 21 8.02 14.29 32.44
C ASP B 21 6.93 13.35 31.93
N LYS B 22 7.31 12.08 31.75
CA LYS B 22 6.37 11.11 31.21
C LYS B 22 5.20 10.87 32.16
N ILE B 23 5.44 10.91 33.46
CA ILE B 23 4.40 10.58 34.42
C ILE B 23 3.55 11.80 34.74
N THR B 24 4.20 12.91 35.08
CA THR B 24 3.48 14.10 35.55
C THR B 24 2.94 14.96 34.42
N SER B 25 3.50 14.85 33.22
CA SER B 25 3.06 15.65 32.08
C SER B 25 3.04 14.76 30.82
N PHE B 26 2.20 13.74 30.85
CA PHE B 26 2.20 12.73 29.79
C PHE B 26 1.75 13.33 28.45
N ALA B 27 0.73 14.18 28.47
CA ALA B 27 0.24 14.78 27.22
C ALA B 27 1.32 15.60 26.56
N ASP B 28 2.01 16.44 27.33
CA ASP B 28 3.11 17.22 26.77
C ASP B 28 4.30 16.34 26.43
N TRP B 29 4.54 15.28 27.21
CA TRP B 29 5.64 14.37 26.91
C TRP B 29 5.39 13.63 25.61
N TYR B 30 4.17 13.13 25.41
CA TYR B 30 3.87 12.38 24.20
C TYR B 30 3.98 13.24 22.95
N SER B 31 3.61 14.52 23.06
CA SER B 31 3.67 15.40 21.89
C SER B 31 5.11 15.75 21.53
N GLN B 32 5.94 16.06 22.52
CA GLN B 32 7.33 16.39 22.24
C GLN B 32 8.07 15.20 21.65
N VAL B 33 7.77 14.00 22.13
CA VAL B 33 8.48 12.81 21.66
C VAL B 33 8.20 12.54 20.19
N ILE B 34 6.92 12.59 19.80
CA ILE B 34 6.58 12.31 18.41
C ILE B 34 6.97 13.45 17.49
N VAL B 35 7.08 14.67 18.00
CA VAL B 35 7.40 15.83 17.17
C VAL B 35 8.91 16.01 17.00
N LYS B 36 9.63 16.04 18.12
CA LYS B 36 11.07 16.27 18.06
C LYS B 36 11.85 15.10 17.46
N SER B 37 11.25 13.92 17.36
CA SER B 37 11.86 12.80 16.66
C SER B 37 11.52 12.78 15.17
N GLU B 38 10.86 13.83 14.68
CA GLU B 38 10.48 13.95 13.27
C GLU B 38 9.57 12.80 12.83
N MET B 39 8.70 12.37 13.74
CA MET B 39 7.73 11.31 13.46
C MET B 39 6.37 11.84 13.03
N ILE B 40 5.93 12.97 13.59
CA ILE B 40 4.58 13.49 13.40
C ILE B 40 4.66 14.98 13.16
N GLU B 41 3.89 15.46 12.18
CA GLU B 41 3.62 16.88 11.98
C GLU B 41 2.14 17.14 12.19
N TYR B 42 1.83 18.16 13.00
CA TYR B 42 0.44 18.50 13.27
C TYR B 42 -0.18 19.20 12.06
N TYR B 43 -1.33 18.71 11.61
CA TYR B 43 -2.00 19.20 10.43
C TYR B 43 -3.02 20.28 10.82
N ASP B 44 -3.43 21.07 9.83
CA ASP B 44 -4.38 22.15 10.04
C ASP B 44 -5.83 21.70 10.01
N ILE B 45 -6.07 20.39 10.01
CA ILE B 45 -7.42 19.84 10.12
C ILE B 45 -7.44 18.93 11.35
N SER B 46 -8.45 19.10 12.20
CA SER B 46 -8.50 18.41 13.48
C SER B 46 -8.52 16.91 13.30
N GLY B 47 -7.70 16.21 14.09
CA GLY B 47 -7.66 14.76 14.08
C GLY B 47 -6.75 14.14 13.04
N CYS B 48 -6.18 14.93 12.14
CA CYS B 48 -5.30 14.43 11.10
C CYS B 48 -3.85 14.76 11.43
N TYR B 49 -2.95 13.81 11.13
CA TYR B 49 -1.53 13.96 11.44
C TYR B 49 -0.70 13.38 10.31
N ILE B 50 0.37 14.09 9.97
CA ILE B 50 1.25 13.66 8.89
C ILE B 50 2.23 12.62 9.42
N LEU B 51 2.22 11.43 8.81
CA LEU B 51 3.14 10.36 9.18
C LEU B 51 4.43 10.58 8.40
N ARG B 52 5.44 11.12 9.07
CA ARG B 52 6.74 11.35 8.46
C ARG B 52 7.48 10.02 8.32
N PRO B 53 8.50 9.97 7.46
CA PRO B 53 9.21 8.69 7.22
C PRO B 53 9.68 7.98 8.48
N TRP B 54 10.08 8.71 9.52
CA TRP B 54 10.55 8.07 10.74
C TRP B 54 9.43 7.28 11.42
N SER B 55 8.19 7.77 11.35
CA SER B 55 7.04 7.03 11.89
C SER B 55 6.45 6.07 10.87
N TYR B 56 6.36 6.49 9.61
CA TYR B 56 5.79 5.64 8.58
C TYR B 56 6.62 4.40 8.32
N PHE B 57 7.92 4.43 8.64
CA PHE B 57 8.75 3.24 8.51
C PHE B 57 8.24 2.12 9.41
N ILE B 58 7.78 2.46 10.62
CA ILE B 58 7.27 1.45 11.53
C ILE B 58 5.99 0.83 10.99
N TRP B 59 5.15 1.64 10.34
CA TRP B 59 3.92 1.10 9.77
C TRP B 59 4.20 0.21 8.57
N GLU B 60 5.20 0.55 7.76
CA GLU B 60 5.59 -0.32 6.65
C GLU B 60 6.10 -1.65 7.16
N THR B 61 6.85 -1.64 8.26
CA THR B 61 7.34 -2.89 8.84
C THR B 61 6.18 -3.74 9.34
N ILE B 62 5.20 -3.12 10.00
CA ILE B 62 4.00 -3.85 10.41
C ILE B 62 3.29 -4.41 9.18
N GLN B 63 3.21 -3.61 8.11
CA GLN B 63 2.61 -4.09 6.87
C GLN B 63 3.36 -5.31 6.33
N SER B 64 4.68 -5.19 6.20
CA SER B 64 5.47 -6.28 5.62
C SER B 64 5.36 -7.55 6.46
N VAL B 65 5.44 -7.42 7.79
CA VAL B 65 5.44 -8.59 8.66
C VAL B 65 4.05 -9.23 8.70
N PHE B 66 3.01 -8.42 8.85
CA PHE B 66 1.66 -8.97 9.01
C PHE B 66 1.10 -9.50 7.70
N ASP B 67 1.39 -8.81 6.58
CA ASP B 67 0.85 -9.26 5.29
C ASP B 67 1.39 -10.63 4.90
N GLN B 68 2.64 -10.92 5.27
CA GLN B 68 3.21 -12.24 4.98
CA GLN B 68 3.17 -12.24 4.95
C GLN B 68 2.59 -13.32 5.86
N LYS B 69 2.11 -12.96 7.04
CA LYS B 69 1.51 -13.95 7.93
C LYS B 69 0.09 -14.31 7.51
N ILE B 70 -0.66 -13.37 6.96
CA ILE B 70 -2.02 -13.71 6.51
C ILE B 70 -1.97 -14.44 5.18
N LYS B 71 -0.94 -14.22 4.36
CA LYS B 71 -0.80 -14.99 3.14
C LYS B 71 -0.48 -16.46 3.41
N GLN B 72 0.06 -16.77 4.59
CA GLN B 72 0.23 -18.16 5.00
C GLN B 72 -1.09 -18.81 5.37
N HIS B 73 -2.18 -18.05 5.47
CA HIS B 73 -3.51 -18.58 5.70
C HIS B 73 -4.43 -18.37 4.51
N ASP B 74 -3.85 -18.20 3.31
CA ASP B 74 -4.61 -18.12 2.05
C ASP B 74 -5.56 -16.93 2.04
N VAL B 75 -5.13 -15.82 2.64
CA VAL B 75 -5.87 -14.56 2.56
C VAL B 75 -5.32 -13.77 1.39
N GLN B 76 -6.21 -13.36 0.49
CA GLN B 76 -5.83 -12.60 -0.70
C GLN B 76 -6.18 -11.14 -0.52
N ASN B 77 -5.34 -10.27 -1.08
CA ASN B 77 -5.55 -8.84 -0.98
C ASN B 77 -6.38 -8.31 -2.14
N ALA B 78 -7.17 -7.27 -1.85
CA ALA B 78 -8.01 -6.61 -2.83
C ALA B 78 -8.11 -5.14 -2.46
N TYR B 79 -8.95 -4.40 -3.18
CA TYR B 79 -9.22 -3.01 -2.82
C TYR B 79 -10.62 -2.65 -3.29
N PHE B 80 -11.48 -2.28 -2.35
CA PHE B 80 -12.84 -1.86 -2.58
C PHE B 80 -12.95 -0.34 -2.50
N PRO B 81 -13.98 0.26 -3.10
CA PRO B 81 -14.05 1.72 -3.18
C PRO B 81 -14.06 2.37 -1.80
N ILE B 82 -13.56 3.61 -1.76
CA ILE B 82 -13.58 4.40 -0.53
C ILE B 82 -14.94 5.03 -0.28
N PHE B 83 -15.83 5.01 -1.27
CA PHE B 83 -17.16 5.59 -1.17
C PHE B 83 -18.21 4.50 -0.98
N VAL B 84 -19.36 4.91 -0.45
CA VAL B 84 -20.49 4.03 -0.25
C VAL B 84 -21.75 4.87 -0.18
N THR B 85 -22.80 4.42 -0.85
CA THR B 85 -24.07 5.14 -0.82
C THR B 85 -24.72 5.03 0.55
N GLN B 86 -25.64 5.95 0.83
CA GLN B 86 -26.32 5.95 2.11
C GLN B 86 -27.25 4.75 2.25
N LYS B 87 -27.89 4.34 1.15
CA LYS B 87 -28.78 3.19 1.20
C LYS B 87 -28.02 1.91 1.56
N LYS B 88 -26.82 1.74 1.02
CA LYS B 88 -26.00 0.59 1.39
C LYS B 88 -25.55 0.67 2.83
N LEU B 89 -25.16 1.86 3.29
CA LEU B 89 -24.61 2.01 4.63
C LEU B 89 -25.66 1.73 5.70
N GLU B 90 -26.73 2.53 5.72
CA GLU B 90 -27.78 2.37 6.72
C GLU B 90 -28.55 1.06 6.53
N GLU B 102 -21.27 8.90 12.21
CA GLU B 102 -19.90 9.36 12.40
C GLU B 102 -19.09 9.21 11.12
N VAL B 103 -19.67 9.63 10.00
CA VAL B 103 -19.05 9.49 8.69
C VAL B 103 -18.94 10.86 8.03
N ALA B 104 -17.91 11.02 7.21
CA ALA B 104 -17.72 12.23 6.42
C ALA B 104 -18.48 12.09 5.11
N TRP B 105 -19.37 13.02 4.83
CA TRP B 105 -20.26 12.95 3.68
C TRP B 105 -19.77 13.87 2.56
N VAL B 106 -19.73 13.35 1.35
CA VAL B 106 -19.40 14.14 0.15
C VAL B 106 -20.72 14.49 -0.54
N THR B 107 -20.94 15.77 -0.77
CA THR B 107 -22.16 16.24 -1.42
C THR B 107 -21.90 17.08 -2.67
N LYS B 108 -20.87 17.91 -2.66
CA LYS B 108 -20.57 18.81 -3.77
C LYS B 108 -19.38 18.29 -4.56
N SER B 109 -19.11 18.95 -5.69
CA SER B 109 -18.01 18.59 -6.56
C SER B 109 -17.20 19.82 -6.96
N SER B 112 -20.82 22.44 -7.44
CA SER B 112 -21.54 21.44 -8.23
C SER B 112 -22.11 20.34 -7.33
N ASP B 113 -23.39 20.46 -7.00
CA ASP B 113 -24.04 19.51 -6.12
C ASP B 113 -24.17 18.15 -6.80
N LEU B 114 -24.44 17.13 -6.00
CA LEU B 114 -24.65 15.77 -6.47
C LEU B 114 -26.05 15.31 -6.12
N ALA B 115 -26.50 14.26 -6.82
CA ALA B 115 -27.83 13.72 -6.60
C ALA B 115 -27.94 13.08 -5.22
N GLU B 116 -27.37 11.88 -5.07
CA GLU B 116 -27.36 11.20 -3.79
C GLU B 116 -26.03 11.39 -3.10
N PRO B 117 -26.01 11.78 -1.83
CA PRO B 117 -24.73 12.02 -1.15
C PRO B 117 -23.95 10.73 -0.94
N ILE B 118 -22.63 10.82 -1.10
CA ILE B 118 -21.73 9.69 -0.92
C ILE B 118 -21.03 9.83 0.43
N ALA B 119 -20.52 8.72 0.94
CA ALA B 119 -19.91 8.67 2.26
C ALA B 119 -18.53 8.02 2.18
N ILE B 120 -17.60 8.54 2.97
CA ILE B 120 -16.29 7.92 3.13
C ILE B 120 -16.40 6.78 4.12
N ARG B 121 -15.75 5.67 3.80
CA ARG B 121 -15.92 4.43 4.56
C ARG B 121 -15.39 4.56 5.98
N PRO B 122 -16.20 4.30 7.00
CA PRO B 122 -15.64 4.00 8.33
C PRO B 122 -15.26 2.55 8.48
N THR B 123 -15.83 1.67 7.66
CA THR B 123 -15.53 0.25 7.58
C THR B 123 -16.18 -0.26 6.30
N SER B 124 -15.74 -1.43 5.85
CA SER B 124 -16.10 -1.91 4.52
C SER B 124 -17.14 -3.03 4.53
N GLU B 125 -17.76 -3.31 5.67
CA GLU B 125 -18.76 -4.36 5.73
C GLU B 125 -19.88 -4.12 4.73
N THR B 126 -20.44 -2.91 4.71
CA THR B 126 -21.51 -2.57 3.79
C THR B 126 -21.04 -2.42 2.34
N ILE B 127 -19.72 -2.42 2.10
CA ILE B 127 -19.20 -2.23 0.75
C ILE B 127 -18.92 -3.57 0.07
N MET B 128 -18.38 -4.54 0.80
CA MET B 128 -17.96 -5.79 0.19
C MET B 128 -19.04 -6.87 0.21
N TYR B 129 -19.82 -6.94 1.27
CA TYR B 129 -20.73 -8.06 1.49
C TYR B 129 -21.86 -8.14 0.45
N PRO B 130 -22.39 -7.01 -0.04
CA PRO B 130 -23.30 -7.12 -1.21
C PRO B 130 -22.67 -7.83 -2.39
N TYR B 131 -21.35 -7.78 -2.53
CA TYR B 131 -20.65 -8.49 -3.59
C TYR B 131 -20.17 -9.86 -3.16
N PHE B 132 -20.15 -10.15 -1.85
CA PHE B 132 -19.93 -11.52 -1.40
C PHE B 132 -21.14 -12.40 -1.72
N ALA B 133 -22.33 -11.81 -1.76
CA ALA B 133 -23.55 -12.59 -1.99
C ALA B 133 -23.58 -13.17 -3.40
N LYS B 134 -22.98 -12.49 -4.38
CA LYS B 134 -22.93 -13.00 -5.73
C LYS B 134 -21.68 -13.82 -6.03
N TRP B 135 -20.60 -13.61 -5.27
CA TRP B 135 -19.40 -14.41 -5.46
C TRP B 135 -19.54 -15.80 -4.87
N ILE B 136 -20.34 -15.96 -3.81
CA ILE B 136 -20.48 -17.22 -3.09
C ILE B 136 -21.81 -17.85 -3.52
N ARG B 137 -21.72 -19.00 -4.18
CA ARG B 137 -22.90 -19.75 -4.60
C ARG B 137 -22.96 -21.15 -4.01
N SER B 138 -21.84 -21.87 -4.01
CA SER B 138 -21.76 -23.21 -3.44
C SER B 138 -20.71 -23.25 -2.35
N HIS B 139 -20.66 -24.37 -1.62
CA HIS B 139 -19.65 -24.54 -0.59
C HIS B 139 -18.26 -24.68 -1.17
N ARG B 140 -18.14 -25.00 -2.46
CA ARG B 140 -16.83 -25.10 -3.09
C ARG B 140 -16.14 -23.74 -3.17
N ASP B 141 -16.91 -22.65 -3.20
CA ASP B 141 -16.36 -21.30 -3.22
C ASP B 141 -15.88 -20.84 -1.85
N LEU B 142 -16.02 -21.67 -0.82
CA LEU B 142 -15.61 -21.33 0.53
C LEU B 142 -14.39 -22.16 0.93
N PRO B 143 -13.51 -21.58 1.78
CA PRO B 143 -13.63 -20.25 2.37
C PRO B 143 -13.10 -19.12 1.49
N LEU B 144 -13.81 -18.00 1.48
CA LEU B 144 -13.38 -16.79 0.80
C LEU B 144 -12.68 -15.88 1.81
N LYS B 145 -11.46 -15.47 1.49
CA LYS B 145 -10.64 -14.67 2.40
C LYS B 145 -10.12 -13.44 1.67
N ILE B 146 -10.58 -12.26 2.08
CA ILE B 146 -10.24 -11.00 1.43
C ILE B 146 -9.64 -10.05 2.47
N ASN B 147 -8.64 -9.28 2.05
CA ASN B 147 -8.01 -8.29 2.91
C ASN B 147 -7.66 -7.07 2.08
N GLN B 148 -7.61 -5.90 2.73
CA GLN B 148 -7.23 -4.69 2.03
C GLN B 148 -6.49 -3.74 2.98
N TRP B 149 -5.44 -3.12 2.47
CA TRP B 149 -4.70 -2.08 3.19
C TRP B 149 -5.16 -0.73 2.66
N THR B 150 -5.77 0.07 3.53
CA THR B 150 -6.31 1.36 3.12
C THR B 150 -6.35 2.30 4.32
N SER B 151 -6.90 3.48 4.10
CA SER B 151 -7.13 4.45 5.16
C SER B 151 -8.62 4.55 5.45
N ILE B 152 -8.94 5.02 6.66
CA ILE B 152 -10.31 5.13 7.14
C ILE B 152 -10.50 6.50 7.78
N VAL B 153 -11.67 7.09 7.55
CA VAL B 153 -12.04 8.36 8.16
C VAL B 153 -13.25 8.12 9.06
N ARG B 154 -13.10 8.37 10.35
CA ARG B 154 -14.19 8.29 11.32
C ARG B 154 -14.28 9.61 12.06
N TRP B 155 -15.45 10.25 12.00
CA TRP B 155 -15.67 11.53 12.66
C TRP B 155 -16.05 11.27 14.11
N GLU B 156 -15.07 11.35 15.00
CA GLU B 156 -15.27 11.08 16.41
C GLU B 156 -15.33 12.37 17.21
N PHE B 157 -16.15 12.37 18.25
CA PHE B 157 -16.30 13.52 19.14
C PHE B 157 -15.30 13.52 20.29
N LYS B 158 -14.61 12.40 20.53
CA LYS B 158 -13.63 12.34 21.60
C LYS B 158 -12.40 13.16 21.23
N HIS B 159 -11.60 13.47 22.25
CA HIS B 159 -10.39 14.25 22.04
C HIS B 159 -9.40 13.45 21.20
N PRO B 160 -8.90 13.99 20.09
CA PRO B 160 -7.97 13.24 19.26
C PRO B 160 -6.60 13.13 19.90
N THR B 161 -5.96 11.98 19.67
CA THR B 161 -4.61 11.71 20.15
C THR B 161 -3.88 11.05 18.99
N PRO B 162 -2.69 11.52 18.64
CA PRO B 162 -1.96 10.93 17.51
C PRO B 162 -1.82 9.41 17.65
N PHE B 163 -2.00 8.73 16.51
CA PHE B 163 -1.96 7.27 16.42
C PHE B 163 -3.15 6.60 17.10
N ILE B 164 -3.35 6.85 18.39
CA ILE B 164 -4.36 6.12 19.15
C ILE B 164 -5.76 6.46 18.66
N ARG B 165 -6.09 7.76 18.61
CA ARG B 165 -7.40 8.22 18.18
C ARG B 165 -7.22 9.36 17.18
N THR B 166 -7.33 9.06 15.90
CA THR B 166 -7.17 10.05 14.84
C THR B 166 -8.40 10.03 13.93
N ARG B 167 -8.66 11.17 13.29
CA ARG B 167 -9.77 11.26 12.34
C ARG B 167 -9.54 10.31 11.17
N GLU B 168 -8.41 10.45 10.49
CA GLU B 168 -7.99 9.49 9.46
C GLU B 168 -6.89 8.61 10.03
N PHE B 169 -7.00 7.31 9.82
CA PHE B 169 -5.97 6.38 10.25
C PHE B 169 -5.80 5.31 9.18
N LEU B 170 -4.55 4.90 8.97
CA LEU B 170 -4.25 3.76 8.11
C LEU B 170 -4.52 2.47 8.88
N TRP B 171 -4.97 1.45 8.15
CA TRP B 171 -5.26 0.18 8.80
C TRP B 171 -5.25 -0.94 7.78
N GLN B 172 -5.59 -2.13 8.25
CA GLN B 172 -5.84 -3.30 7.41
C GLN B 172 -7.13 -3.94 7.92
N GLU B 173 -7.99 -4.36 7.00
CA GLU B 173 -9.22 -5.06 7.36
C GLU B 173 -9.33 -6.33 6.54
N GLY B 174 -9.45 -7.46 7.23
CA GLY B 174 -9.62 -8.76 6.59
C GLY B 174 -11.02 -9.28 6.83
N HIS B 175 -11.60 -9.87 5.79
CA HIS B 175 -12.96 -10.39 5.87
C HIS B 175 -12.99 -11.77 5.24
N THR B 176 -13.51 -12.74 6.01
CA THR B 176 -13.57 -14.12 5.55
C THR B 176 -14.99 -14.66 5.67
N ALA B 177 -15.29 -15.66 4.86
CA ALA B 177 -16.57 -16.35 4.90
C ALA B 177 -16.32 -17.85 4.86
N HIS B 178 -17.06 -18.59 5.69
CA HIS B 178 -16.82 -20.01 5.88
C HIS B 178 -18.11 -20.79 5.81
N SER B 179 -17.99 -22.10 5.53
CA SER B 179 -19.15 -22.97 5.44
C SER B 179 -19.63 -23.44 6.81
N THR B 180 -18.79 -23.37 7.83
CA THR B 180 -19.16 -23.79 9.18
C THR B 180 -18.75 -22.73 10.18
N ARG B 181 -19.41 -22.74 11.33
CA ARG B 181 -19.07 -21.81 12.41
CA ARG B 181 -19.06 -21.80 12.39
C ARG B 181 -17.76 -22.22 13.09
N LYS B 182 -17.49 -23.53 13.15
CA LYS B 182 -16.24 -24.00 13.75
C LYS B 182 -15.03 -23.47 12.98
N GLU B 183 -15.11 -23.48 11.64
CA GLU B 183 -14.00 -22.99 10.84
C GLU B 183 -13.85 -21.48 10.95
N ALA B 184 -14.96 -20.75 11.10
CA ALA B 184 -14.87 -19.30 11.21
C ALA B 184 -14.30 -18.88 12.57
N LEU B 185 -14.73 -19.56 13.64
CA LEU B 185 -14.20 -19.24 14.96
C LEU B 185 -12.71 -19.53 15.05
N GLU B 186 -12.23 -20.51 14.27
CA GLU B 186 -10.78 -20.76 14.22
C GLU B 186 -10.06 -19.60 13.55
N MET B 187 -10.68 -19.00 12.53
CA MET B 187 -10.07 -17.86 11.85
C MET B 187 -9.92 -16.68 12.80
N VAL B 188 -10.91 -16.46 13.68
CA VAL B 188 -10.83 -15.39 14.66
C VAL B 188 -9.66 -15.62 15.60
N ASP B 189 -9.54 -16.85 16.12
CA ASP B 189 -8.46 -17.17 17.05
C ASP B 189 -7.10 -17.11 16.37
N ILE B 190 -7.03 -17.45 15.08
CA ILE B 190 -5.76 -17.39 14.36
C ILE B 190 -5.31 -15.94 14.19
N ILE B 191 -6.21 -15.08 13.71
CA ILE B 191 -5.86 -13.68 13.48
C ILE B 191 -5.53 -12.98 14.80
N LEU B 192 -6.27 -13.29 15.87
CA LEU B 192 -6.00 -12.67 17.15
C LEU B 192 -4.62 -13.04 17.67
N ASN B 193 -4.20 -14.29 17.45
CA ASN B 193 -2.86 -14.69 17.86
C ASN B 193 -1.79 -14.04 16.99
N GLU B 194 -2.11 -13.71 15.74
CA GLU B 194 -1.18 -12.96 14.91
C GLU B 194 -1.12 -11.50 15.32
N TYR B 195 -2.24 -10.93 15.77
CA TYR B 195 -2.22 -9.57 16.29
C TYR B 195 -1.35 -9.47 17.55
N ALA B 196 -1.45 -10.47 18.43
CA ALA B 196 -0.60 -10.47 19.61
C ALA B 196 0.87 -10.67 19.25
N SER B 197 1.14 -11.44 18.19
CA SER B 197 2.52 -11.60 17.74
C SER B 197 3.07 -10.31 17.16
N ILE B 198 2.23 -9.52 16.50
CA ILE B 198 2.66 -8.22 15.99
C ILE B 198 3.08 -7.31 17.14
N TYR B 199 2.31 -7.29 18.22
CA TYR B 199 2.64 -6.44 19.35
C TYR B 199 3.83 -6.97 20.14
N GLU B 200 3.84 -8.28 20.42
CA GLU B 200 4.83 -8.83 21.32
C GLU B 200 6.15 -9.14 20.60
N ASP B 201 6.07 -9.77 19.43
CA ASP B 201 7.29 -10.17 18.74
C ASP B 201 7.89 -9.03 17.91
N LEU B 202 7.07 -8.17 17.34
CA LEU B 202 7.56 -7.09 16.48
C LEU B 202 7.69 -5.76 17.20
N LEU B 203 6.72 -5.41 18.04
CA LEU B 203 6.73 -4.14 18.76
C LEU B 203 7.18 -4.28 20.21
N ALA B 204 7.46 -5.50 20.66
CA ALA B 204 7.88 -5.76 22.04
C ALA B 204 6.89 -5.20 23.06
N THR B 205 5.61 -5.17 22.71
CA THR B 205 4.58 -4.63 23.58
C THR B 205 3.66 -5.74 24.05
N PRO B 206 3.48 -5.91 25.36
CA PRO B 206 2.62 -6.99 25.86
C PRO B 206 1.15 -6.62 25.78
N VAL B 207 0.32 -7.61 25.41
CA VAL B 207 -1.12 -7.44 25.34
C VAL B 207 -1.77 -8.62 26.04
N VAL B 208 -3.06 -8.47 26.32
CA VAL B 208 -3.85 -9.50 26.99
C VAL B 208 -4.93 -9.97 26.02
N LYS B 209 -4.84 -11.23 25.60
CA LYS B 209 -5.88 -11.81 24.77
C LYS B 209 -7.13 -12.04 25.59
N GLY B 210 -8.29 -11.77 24.99
CA GLY B 210 -9.53 -11.95 25.71
C GLY B 210 -10.73 -11.84 24.80
N THR B 211 -11.91 -11.85 25.43
CA THR B 211 -13.18 -11.75 24.74
C THR B 211 -13.94 -10.55 25.27
N LYS B 212 -14.44 -9.72 24.36
CA LYS B 212 -15.21 -8.55 24.76
C LYS B 212 -16.54 -8.98 25.37
N SER B 213 -17.09 -8.08 26.20
CA SER B 213 -18.40 -8.33 26.79
C SER B 213 -19.51 -8.06 25.77
N GLU B 214 -20.74 -8.37 26.16
CA GLU B 214 -21.87 -8.16 25.26
C GLU B 214 -22.09 -6.69 24.96
N ASN B 215 -21.72 -5.80 25.89
CA ASN B 215 -21.90 -4.37 25.68
C ASN B 215 -20.76 -3.75 24.87
N GLU B 216 -19.59 -4.39 24.85
CA GLU B 216 -18.42 -3.86 24.17
C GLU B 216 -18.14 -4.53 22.83
N LYS B 217 -18.90 -5.56 22.48
CA LYS B 217 -18.64 -6.29 21.25
C LYS B 217 -19.06 -5.46 20.03
N PHE B 218 -18.76 -5.99 18.85
CA PHE B 218 -19.16 -5.34 17.61
C PHE B 218 -20.67 -5.18 17.59
N PRO B 219 -21.19 -4.08 17.02
CA PRO B 219 -22.65 -3.85 17.06
C PRO B 219 -23.47 -4.97 16.44
N GLY B 220 -23.08 -5.43 15.26
CA GLY B 220 -23.83 -6.49 14.60
C GLY B 220 -23.13 -7.83 14.63
N GLY B 221 -22.19 -8.00 15.55
CA GLY B 221 -21.42 -9.22 15.63
C GLY B 221 -21.98 -10.20 16.65
N ASP B 222 -21.38 -11.40 16.66
CA ASP B 222 -21.77 -12.45 17.59
C ASP B 222 -20.77 -12.57 18.74
N ILE B 223 -19.50 -12.83 18.42
CA ILE B 223 -18.43 -12.88 19.41
C ILE B 223 -17.30 -11.99 18.92
N THR B 224 -16.85 -11.08 19.79
CA THR B 224 -15.78 -10.14 19.47
C THR B 224 -14.62 -10.40 20.43
N LYS B 225 -13.47 -10.79 19.87
CA LYS B 225 -12.26 -10.99 20.63
C LYS B 225 -11.27 -9.88 20.31
N SER B 226 -10.42 -9.55 21.29
CA SER B 226 -9.50 -8.44 21.13
C SER B 226 -8.27 -8.68 22.00
N ILE B 227 -7.26 -7.83 21.79
CA ILE B 227 -6.09 -7.76 22.64
C ILE B 227 -6.06 -6.38 23.28
N GLU B 228 -5.75 -6.33 24.58
CA GLU B 228 -5.82 -5.10 25.35
C GLU B 228 -4.43 -4.71 25.83
N GLY B 229 -4.04 -3.47 25.54
CA GLY B 229 -2.82 -2.90 26.06
C GLY B 229 -3.08 -2.01 27.26
N PHE B 230 -2.00 -1.54 27.87
CA PHE B 230 -2.11 -0.73 29.07
C PHE B 230 -0.83 0.06 29.28
N ILE B 231 -0.97 1.35 29.59
CA ILE B 231 0.15 2.25 29.82
C ILE B 231 0.21 2.54 31.33
N PRO B 232 1.23 2.06 32.04
CA PRO B 232 1.23 2.21 33.51
C PRO B 232 1.42 3.66 33.97
N GLU B 233 2.14 4.48 33.20
CA GLU B 233 2.41 5.85 33.65
C GLU B 233 1.12 6.64 33.82
N ILE B 234 0.22 6.56 32.84
CA ILE B 234 -1.09 7.19 32.99
C ILE B 234 -2.11 6.29 33.68
N GLY B 235 -1.90 4.98 33.66
CA GLY B 235 -2.85 4.07 34.26
C GLY B 235 -4.12 3.87 33.46
N ARG B 236 -4.05 4.02 32.13
CA ARG B 236 -5.21 3.86 31.27
C ARG B 236 -4.93 2.80 30.21
N ALA B 237 -5.94 1.97 29.93
CA ALA B 237 -5.80 0.86 29.01
C ALA B 237 -6.20 1.27 27.59
N VAL B 238 -5.64 0.57 26.61
CA VAL B 238 -5.91 0.82 25.20
C VAL B 238 -6.27 -0.50 24.54
N GLN B 239 -7.28 -0.47 23.66
CA GLN B 239 -7.60 -1.62 22.83
C GLN B 239 -6.59 -1.70 21.69
N ALA B 240 -5.84 -2.80 21.62
CA ALA B 240 -4.74 -2.91 20.67
C ALA B 240 -5.21 -3.29 19.27
N ALA B 241 -6.11 -4.26 19.17
CA ALA B 241 -6.66 -4.70 17.89
C ALA B 241 -7.93 -5.49 18.18
N THR B 242 -8.64 -5.90 17.13
CA THR B 242 -9.89 -6.61 17.29
C THR B 242 -10.06 -7.66 16.21
N SER B 243 -10.63 -8.80 16.60
CA SER B 243 -11.00 -9.87 15.68
C SER B 243 -12.43 -10.27 15.98
N HIS B 244 -13.31 -10.14 14.98
CA HIS B 244 -14.73 -10.35 15.16
C HIS B 244 -15.18 -11.67 14.56
N LEU B 245 -16.14 -12.31 15.22
CA LEU B 245 -16.85 -13.46 14.67
C LEU B 245 -18.27 -12.97 14.37
N LEU B 246 -18.48 -12.51 13.13
CA LEU B 246 -19.79 -11.99 12.76
C LEU B 246 -20.84 -13.09 12.69
N GLY B 247 -20.43 -14.34 12.51
CA GLY B 247 -21.39 -15.43 12.46
C GLY B 247 -22.26 -15.33 11.22
N GLN B 248 -23.56 -15.49 11.41
CA GLN B 248 -24.54 -15.43 10.33
C GLN B 248 -25.39 -14.16 10.41
N ASN B 249 -24.96 -13.17 11.18
CA ASN B 249 -25.74 -11.94 11.30
C ASN B 249 -25.64 -11.09 10.04
N PHE B 250 -24.42 -10.83 9.58
CA PHE B 250 -24.24 -9.99 8.39
C PHE B 250 -24.66 -10.71 7.12
N SER B 251 -24.45 -12.03 7.05
CA SER B 251 -24.83 -12.78 5.86
C SER B 251 -26.35 -12.84 5.71
N LYS B 252 -27.09 -12.76 6.82
CA LYS B 252 -28.55 -12.76 6.72
C LYS B 252 -29.08 -11.42 6.23
N MET B 253 -28.33 -10.33 6.48
CA MET B 253 -28.76 -9.01 6.03
C MET B 253 -28.52 -8.83 4.54
N PHE B 254 -27.34 -9.20 4.06
CA PHE B 254 -26.96 -9.01 2.67
C PHE B 254 -27.22 -10.23 1.80
N GLY B 255 -27.84 -11.28 2.35
CA GLY B 255 -28.21 -12.44 1.56
C GLY B 255 -27.03 -13.22 1.02
N VAL B 256 -26.02 -13.47 1.86
CA VAL B 256 -24.83 -14.23 1.45
C VAL B 256 -25.13 -15.68 1.78
N GLU B 257 -25.68 -16.40 0.80
CA GLU B 257 -26.05 -17.80 0.95
C GLU B 257 -25.10 -18.67 0.13
N PHE B 258 -25.07 -19.96 0.49
CA PHE B 258 -24.30 -20.94 -0.24
C PHE B 258 -24.99 -22.30 -0.14
N GLU B 259 -24.80 -23.13 -1.16
CA GLU B 259 -25.37 -24.47 -1.16
C GLU B 259 -24.55 -25.38 -0.25
N ASP B 260 -25.23 -26.02 0.70
CA ASP B 260 -24.58 -26.92 1.63
C ASP B 260 -24.04 -28.14 0.90
N GLU B 261 -23.23 -28.93 1.62
CA GLU B 261 -22.80 -30.23 1.11
C GLU B 261 -23.90 -31.27 1.16
N LYS B 262 -24.99 -31.00 1.86
CA LYS B 262 -26.11 -31.93 2.00
C LYS B 262 -27.05 -32.09 0.77
N GLY B 263 -27.46 -31.01 0.10
CA GLY B 263 -27.13 -29.63 0.41
C GLY B 263 -28.30 -28.68 0.37
N ASN B 264 -28.60 -28.07 1.51
CA ASN B 264 -29.61 -27.04 1.62
C ASN B 264 -28.97 -25.66 1.51
N LYS B 265 -29.78 -24.63 1.68
CA LYS B 265 -29.28 -23.25 1.67
C LYS B 265 -28.92 -22.84 3.09
N GLU B 266 -27.72 -22.28 3.25
CA GLU B 266 -27.26 -21.85 4.56
C GLU B 266 -26.52 -20.53 4.42
N TYR B 267 -26.58 -19.71 5.47
CA TYR B 267 -25.87 -18.44 5.49
C TYR B 267 -24.42 -18.67 5.88
N ALA B 268 -23.51 -18.01 5.17
CA ALA B 268 -22.09 -18.17 5.42
C ALA B 268 -21.72 -17.61 6.78
N HIS B 269 -20.74 -18.25 7.41
CA HIS B 269 -20.21 -17.79 8.69
C HIS B 269 -19.02 -16.88 8.42
N GLN B 270 -19.14 -15.62 8.82
CA GLN B 270 -18.18 -14.60 8.46
C GLN B 270 -17.37 -14.13 9.68
N THR B 271 -16.18 -13.61 9.39
CA THR B 271 -15.34 -12.94 10.36
C THR B 271 -14.86 -11.61 9.76
N SER B 272 -14.44 -10.70 10.63
CA SER B 272 -13.79 -9.47 10.21
C SER B 272 -12.81 -9.07 11.30
N TRP B 273 -11.67 -8.52 10.90
CA TRP B 273 -10.60 -8.21 11.83
C TRP B 273 -9.80 -7.02 11.31
N GLY B 274 -9.25 -6.24 12.23
CA GLY B 274 -8.56 -5.03 11.87
C GLY B 274 -7.49 -4.57 12.86
N LEU B 275 -6.35 -4.14 12.33
CA LEU B 275 -5.30 -3.51 13.12
C LEU B 275 -4.95 -2.19 12.44
N THR B 276 -4.74 -1.15 13.24
CA THR B 276 -4.54 0.20 12.74
C THR B 276 -3.19 0.74 13.17
N THR B 277 -2.93 1.99 12.79
CA THR B 277 -1.74 2.73 13.21
C THR B 277 -1.75 3.05 14.70
N ARG B 278 -2.82 2.70 15.42
CA ARG B 278 -2.80 2.80 16.88
C ARG B 278 -1.69 1.97 17.49
N ALA B 279 -1.30 0.88 16.82
CA ALA B 279 -0.20 0.05 17.33
C ALA B 279 1.09 0.83 17.50
N ILE B 280 1.33 1.82 16.63
CA ILE B 280 2.54 2.62 16.76
C ILE B 280 2.51 3.45 18.03
N GLY B 281 1.36 4.06 18.33
CA GLY B 281 1.26 4.89 19.52
C GLY B 281 1.40 4.10 20.80
N VAL B 282 0.76 2.93 20.87
CA VAL B 282 0.89 2.08 22.05
C VAL B 282 2.34 1.65 22.25
N MET B 283 3.05 1.43 21.15
CA MET B 283 4.47 1.06 21.25
C MET B 283 5.31 2.25 21.72
N ILE B 284 4.96 3.46 21.28
CA ILE B 284 5.70 4.65 21.71
C ILE B 284 5.50 4.89 23.21
N MET B 285 4.25 4.90 23.66
CA MET B 285 3.94 5.20 25.04
C MET B 285 4.43 4.14 26.01
N THR B 286 4.80 2.95 25.52
CA THR B 286 5.29 1.89 26.39
C THR B 286 6.78 2.03 26.68
N HIS B 287 7.61 2.13 25.64
CA HIS B 287 9.06 2.11 25.80
C HIS B 287 9.67 3.51 26.00
N GLY B 288 8.93 4.57 25.68
CA GLY B 288 9.50 5.90 25.76
C GLY B 288 9.89 6.28 27.18
N ASP B 289 10.94 7.09 27.29
CA ASP B 289 11.39 7.58 28.59
C ASP B 289 11.53 9.10 28.57
N ASN B 290 12.17 9.66 29.60
CA ASN B 290 12.35 11.11 29.66
C ASN B 290 13.41 11.62 28.70
N LYS B 291 14.21 10.74 28.09
CA LYS B 291 15.19 11.15 27.11
C LYS B 291 14.66 11.05 25.68
N GLY B 292 13.45 10.56 25.49
CA GLY B 292 12.86 10.50 24.17
C GLY B 292 12.32 9.15 23.76
N LEU B 293 12.39 8.85 22.47
CA LEU B 293 11.87 7.60 21.94
C LEU B 293 12.78 6.43 22.29
N VAL B 294 12.15 5.27 22.50
CA VAL B 294 12.83 3.99 22.57
C VAL B 294 12.11 3.06 21.61
N LEU B 295 12.78 2.69 20.52
CA LEU B 295 12.17 1.85 19.52
C LEU B 295 12.79 0.47 19.52
N PRO B 296 11.99 -0.59 19.44
CA PRO B 296 12.55 -1.94 19.29
C PRO B 296 13.37 -2.02 18.01
N PRO B 297 14.50 -2.72 18.04
CA PRO B 297 15.34 -2.83 16.84
C PRO B 297 14.63 -3.45 15.65
N LYS B 298 13.53 -4.16 15.88
CA LYS B 298 12.77 -4.75 14.77
C LYS B 298 12.12 -3.68 13.90
N VAL B 299 11.78 -2.52 14.46
CA VAL B 299 11.07 -1.47 13.74
C VAL B 299 11.80 -0.14 13.75
N ALA B 300 12.98 -0.07 14.35
CA ALA B 300 13.72 1.19 14.41
C ALA B 300 14.24 1.56 13.02
N PRO B 301 13.97 2.77 12.54
CA PRO B 301 14.47 3.15 11.20
C PRO B 301 15.99 3.08 11.09
N VAL B 302 16.70 3.53 12.11
CA VAL B 302 18.17 3.44 12.17
C VAL B 302 18.53 2.72 13.45
N GLN B 303 19.16 1.56 13.32
CA GLN B 303 19.52 0.75 14.47
C GLN B 303 20.85 1.16 15.09
N VAL B 304 21.81 1.60 14.28
CA VAL B 304 23.13 2.02 14.74
C VAL B 304 23.48 3.35 14.09
N ILE B 305 23.91 4.32 14.89
CA ILE B 305 24.41 5.59 14.39
C ILE B 305 25.88 5.70 14.78
N ILE B 306 26.72 6.05 13.81
CA ILE B 306 28.16 6.16 14.02
C ILE B 306 28.50 7.63 14.14
N ILE B 307 28.93 8.06 15.32
CA ILE B 307 29.20 9.45 15.63
C ILE B 307 30.69 9.60 15.93
N PRO B 308 31.48 10.11 14.99
CA PRO B 308 32.90 10.32 15.26
C PRO B 308 33.14 11.58 16.08
N ILE B 309 34.05 11.49 17.03
CA ILE B 309 34.45 12.65 17.83
C ILE B 309 35.34 13.55 16.99
N ILE B 310 35.23 14.86 17.22
CA ILE B 310 35.90 15.86 16.41
C ILE B 310 36.65 16.82 17.32
N PHE B 311 37.93 17.02 17.04
CA PHE B 311 38.74 17.94 17.85
C PHE B 311 40.02 18.39 17.15
N LYS B 312 39.96 19.27 16.16
CA LYS B 312 38.77 19.90 15.58
C LYS B 312 39.24 20.52 14.27
N THR B 313 38.36 20.82 13.31
CA THR B 313 36.92 20.58 13.38
C THR B 313 36.48 19.64 12.26
N VAL B 314 37.39 18.77 11.84
CA VAL B 314 37.12 17.77 10.83
C VAL B 314 37.64 16.42 11.32
N ILE B 315 37.07 15.35 10.78
CA ILE B 315 37.49 14.00 11.12
C ILE B 315 38.75 13.67 10.33
N THR B 316 39.68 12.97 10.97
CA THR B 316 40.90 12.55 10.30
C THR B 316 40.57 11.52 9.22
N GLU B 317 41.51 11.34 8.29
CA GLU B 317 41.32 10.34 7.24
C GLU B 317 41.18 8.95 7.83
N GLU B 318 41.81 8.70 8.98
CA GLU B 318 41.65 7.41 9.64
C GLU B 318 40.24 7.25 10.21
N GLN B 319 39.67 8.33 10.75
CA GLN B 319 38.31 8.25 11.29
C GLN B 319 37.29 8.04 10.18
N LYS B 320 37.50 8.66 9.02
CA LYS B 320 36.61 8.41 7.89
C LYS B 320 36.76 6.99 7.37
N LYS B 321 37.99 6.45 7.40
CA LYS B 321 38.22 5.09 6.92
C LYS B 321 37.67 4.07 7.90
N ILE B 322 37.75 4.36 9.21
CA ILE B 322 37.23 3.43 10.21
C ILE B 322 35.70 3.42 10.19
N CYS B 323 35.08 4.59 10.10
CA CYS B 323 33.62 4.66 10.10
C CYS B 323 33.03 3.93 8.90
N ASN B 324 33.61 4.13 7.71
CA ASN B 324 33.11 3.43 6.54
C ASN B 324 33.36 1.93 6.63
N GLU B 325 34.43 1.52 7.32
CA GLU B 325 34.67 0.10 7.54
C GLU B 325 33.59 -0.50 8.44
N VAL B 326 33.27 0.20 9.54
CA VAL B 326 32.23 -0.29 10.44
C VAL B 326 30.87 -0.28 9.74
N GLU B 327 30.57 0.78 8.99
CA GLU B 327 29.30 0.85 8.28
C GLU B 327 29.19 -0.26 7.24
N CYS B 328 30.29 -0.56 6.55
CA CYS B 328 30.27 -1.63 5.56
C CYS B 328 30.04 -2.99 6.22
N ILE B 329 30.61 -3.19 7.41
CA ILE B 329 30.41 -4.45 8.13
C ILE B 329 28.95 -4.58 8.55
N LEU B 330 28.36 -3.52 9.10
CA LEU B 330 26.99 -3.60 9.58
C LEU B 330 25.99 -3.75 8.44
N LYS B 331 26.26 -3.11 7.30
CA LYS B 331 25.35 -3.26 6.15
C LYS B 331 25.35 -4.70 5.65
N LYS B 332 26.53 -5.33 5.59
CA LYS B 332 26.60 -6.72 5.15
C LYS B 332 25.89 -7.64 6.13
N ALA B 333 25.88 -7.30 7.42
CA ALA B 333 25.18 -8.08 8.43
C ALA B 333 23.69 -7.77 8.48
N GLY B 334 23.19 -6.85 7.65
CA GLY B 334 21.78 -6.54 7.63
C GLY B 334 21.32 -5.53 8.65
N VAL B 335 22.24 -4.77 9.24
CA VAL B 335 21.90 -3.78 10.25
C VAL B 335 21.73 -2.43 9.57
N ARG B 336 20.65 -1.73 9.92
CA ARG B 336 20.38 -0.40 9.38
C ARG B 336 21.25 0.61 10.14
N VAL B 337 22.27 1.14 9.46
CA VAL B 337 23.28 1.98 10.09
C VAL B 337 23.48 3.23 9.26
N LYS B 338 23.72 4.36 9.93
CA LYS B 338 24.07 5.61 9.29
C LYS B 338 25.25 6.24 10.03
N ILE B 339 25.93 7.16 9.35
CA ILE B 339 27.07 7.88 9.90
C ILE B 339 26.70 9.35 10.02
N ASP B 340 27.00 9.93 11.18
CA ASP B 340 26.76 11.35 11.44
C ASP B 340 28.13 12.04 11.53
N ASP B 341 28.71 12.33 10.37
CA ASP B 341 30.00 12.99 10.27
C ASP B 341 29.89 14.50 10.17
N ARG B 342 28.75 15.07 10.55
CA ARG B 342 28.56 16.51 10.44
C ARG B 342 29.48 17.25 11.39
N SER B 343 30.00 18.40 10.94
CA SER B 343 30.93 19.19 11.72
C SER B 343 30.27 20.38 12.41
N ASN B 344 29.10 20.81 11.94
CA ASN B 344 28.42 21.97 12.51
C ASN B 344 27.68 21.65 13.80
N TYR B 345 27.72 20.40 14.27
CA TYR B 345 27.02 19.99 15.48
C TYR B 345 28.00 19.32 16.43
N THR B 346 27.88 19.61 17.72
CA THR B 346 28.76 19.05 18.72
C THR B 346 28.40 17.61 19.02
N PRO B 347 29.36 16.82 19.52
CA PRO B 347 29.03 15.45 19.94
C PRO B 347 27.85 15.35 20.89
N GLY B 348 27.81 16.19 21.92
CA GLY B 348 26.68 16.18 22.83
C GLY B 348 25.38 16.53 22.16
N TRP B 349 25.44 17.33 21.09
CA TRP B 349 24.24 17.61 20.31
C TRP B 349 23.80 16.37 19.53
N LYS B 350 24.74 15.67 18.91
CA LYS B 350 24.40 14.49 18.12
C LYS B 350 23.87 13.38 19.01
N TYR B 351 24.44 13.21 20.20
CA TYR B 351 23.97 12.18 21.12
C TYR B 351 22.49 12.36 21.43
N ASN B 352 22.09 13.59 21.78
CA ASN B 352 20.70 13.85 22.10
C ASN B 352 19.80 13.69 20.88
N HIS B 353 20.28 14.09 19.70
CA HIS B 353 19.44 14.06 18.51
C HIS B 353 19.01 12.63 18.18
N TRP B 354 19.93 11.68 18.24
CA TRP B 354 19.61 10.30 17.90
C TRP B 354 19.00 9.54 19.07
N GLU B 355 19.23 9.97 20.31
CA GLU B 355 18.52 9.38 21.43
C GLU B 355 17.03 9.72 21.38
N VAL B 356 16.71 10.97 21.02
CA VAL B 356 15.31 11.37 20.90
C VAL B 356 14.62 10.60 19.80
N LYS B 357 15.35 10.31 18.71
CA LYS B 357 14.78 9.57 17.60
C LYS B 357 14.75 8.06 17.83
N GLY B 358 15.39 7.57 18.90
CA GLY B 358 15.26 6.17 19.27
C GLY B 358 16.23 5.21 18.62
N VAL B 359 17.44 5.66 18.29
CA VAL B 359 18.43 4.75 17.73
C VAL B 359 18.93 3.81 18.81
N CYS B 360 18.89 2.50 18.54
CA CYS B 360 19.18 1.51 19.56
C CYS B 360 20.61 1.61 20.07
N LEU B 361 21.57 1.65 19.16
CA LEU B 361 22.99 1.70 19.52
C LEU B 361 23.64 2.89 18.84
N ARG B 362 24.61 3.49 19.53
CA ARG B 362 25.40 4.57 18.94
C ARG B 362 26.88 4.24 19.11
N PHE B 363 27.67 4.55 18.09
CA PHE B 363 29.11 4.26 18.08
C PHE B 363 29.87 5.57 18.22
N GLU B 364 30.69 5.66 19.27
CA GLU B 364 31.54 6.82 19.51
C GLU B 364 32.96 6.46 19.06
N VAL B 365 33.43 7.11 18.00
CA VAL B 365 34.73 6.84 17.40
C VAL B 365 35.66 7.99 17.76
N GLY B 366 36.74 7.67 18.46
CA GLY B 366 37.73 8.65 18.83
C GLY B 366 39.13 8.25 18.43
N PRO B 367 40.13 9.08 18.78
CA PRO B 367 41.51 8.74 18.42
C PRO B 367 42.00 7.46 19.09
N ARG B 368 41.68 7.27 20.38
CA ARG B 368 42.10 6.05 21.07
C ARG B 368 41.37 4.82 20.56
N ASP B 369 40.17 4.99 20.00
CA ASP B 369 39.44 3.84 19.45
C ASP B 369 40.06 3.36 18.14
N ILE B 370 40.62 4.27 17.34
CA ILE B 370 41.23 3.86 16.08
C ILE B 370 42.53 3.10 16.33
N GLU B 371 43.27 3.44 17.37
CA GLU B 371 44.51 2.74 17.67
C GLU B 371 44.23 1.34 18.22
N LYS B 372 43.22 1.20 19.07
CA LYS B 372 42.85 -0.09 19.64
C LYS B 372 41.99 -0.93 18.71
N ARG B 373 41.60 -0.40 17.54
CA ARG B 373 40.81 -1.13 16.54
C ARG B 373 39.48 -1.60 17.10
N SER B 374 38.90 -0.84 18.03
CA SER B 374 37.60 -1.14 18.60
C SER B 374 36.72 0.10 18.54
N VAL B 375 35.44 -0.09 18.82
CA VAL B 375 34.47 1.00 18.83
C VAL B 375 33.67 0.94 20.12
N ARG B 376 33.22 2.11 20.58
CA ARG B 376 32.47 2.22 21.82
C ARG B 376 30.98 2.22 21.51
N VAL B 377 30.24 1.32 22.17
CA VAL B 377 28.81 1.17 21.97
C VAL B 377 28.08 1.70 23.19
N VAL B 378 27.01 2.45 22.96
CA VAL B 378 26.17 2.98 24.04
C VAL B 378 24.74 2.55 23.74
N VAL B 379 24.22 1.63 24.56
CA VAL B 379 22.87 1.12 24.36
C VAL B 379 21.86 2.20 24.77
N ARG B 380 20.77 2.31 24.02
CA ARG B 380 19.85 3.42 24.20
C ARG B 380 19.03 3.29 25.47
N ASP B 381 18.40 2.12 25.67
CA ASP B 381 17.37 2.01 26.71
C ASP B 381 17.95 1.92 28.11
N ASN B 382 19.13 1.30 28.29
CA ASN B 382 19.70 1.11 29.62
C ASN B 382 21.04 1.79 29.80
N MET B 383 21.49 2.60 28.83
CA MET B 383 22.75 3.34 28.92
C MET B 383 23.96 2.42 29.12
N GLU B 384 23.85 1.19 28.66
CA GLU B 384 24.96 0.24 28.79
C GLU B 384 26.11 0.66 27.88
N LYS B 385 27.32 0.66 28.42
CA LYS B 385 28.52 1.06 27.69
C LYS B 385 29.41 -0.15 27.47
N MET B 386 29.92 -0.29 26.25
CA MET B 386 30.76 -1.41 25.88
C MET B 386 31.85 -0.96 24.92
N ASP B 387 32.93 -1.72 24.88
CA ASP B 387 34.00 -1.56 23.89
C ASP B 387 34.13 -2.87 23.13
N ILE B 388 33.79 -2.85 21.84
CA ILE B 388 33.75 -4.03 21.01
C ILE B 388 34.74 -3.86 19.87
N PRO B 389 35.62 -4.83 19.61
CA PRO B 389 36.54 -4.71 18.48
C PRO B 389 35.81 -4.75 17.16
N ILE B 390 36.43 -4.15 16.14
CA ILE B 390 35.83 -4.12 14.82
C ILE B 390 35.72 -5.52 14.22
N SER B 391 36.62 -6.42 14.60
CA SER B 391 36.61 -7.78 14.09
C SER B 391 35.51 -8.64 14.72
N GLU B 392 34.77 -8.11 15.70
CA GLU B 392 33.69 -8.84 16.34
C GLU B 392 32.32 -8.24 16.07
N LEU B 393 32.24 -7.08 15.41
CA LEU B 393 30.96 -6.45 15.15
C LEU B 393 30.09 -7.25 14.19
N GLU B 394 30.69 -8.16 13.42
CA GLU B 394 29.91 -8.94 12.45
C GLU B 394 28.82 -9.75 13.13
N SER B 395 29.13 -10.36 14.28
CA SER B 395 28.18 -11.20 14.98
C SER B 395 27.61 -10.57 16.24
N LYS B 396 28.37 -9.71 16.93
CA LYS B 396 27.92 -9.19 18.21
C LYS B 396 26.78 -8.19 18.04
N ILE B 397 26.86 -7.35 17.01
CA ILE B 397 25.85 -6.30 16.83
C ILE B 397 24.45 -6.88 16.59
N PRO B 398 24.26 -7.86 15.71
CA PRO B 398 22.92 -8.47 15.61
C PRO B 398 22.48 -9.15 16.90
N LYS B 399 23.43 -9.68 17.69
CA LYS B 399 23.08 -10.30 18.95
C LYS B 399 22.64 -9.26 19.98
N LEU B 400 23.23 -8.07 19.96
CA LEU B 400 22.80 -7.01 20.87
C LEU B 400 21.39 -6.55 20.55
N LEU B 401 21.05 -6.49 19.26
CA LEU B 401 19.70 -6.08 18.87
C LEU B 401 18.66 -7.11 19.30
N GLU B 402 19.00 -8.40 19.23
CA GLU B 402 18.12 -9.42 19.77
C GLU B 402 17.90 -9.23 21.26
N GLU B 403 18.99 -8.99 22.00
CA GLU B 403 18.87 -8.74 23.43
C GLU B 403 18.11 -7.45 23.72
N PHE B 404 18.33 -6.42 22.89
CA PHE B 404 17.57 -5.18 23.03
C PHE B 404 16.07 -5.45 22.89
N GLN B 405 15.68 -6.17 21.84
CA GLN B 405 14.28 -6.49 21.64
C GLN B 405 13.73 -7.33 22.78
N ASN B 406 14.49 -8.35 23.20
CA ASN B 406 14.04 -9.21 24.29
C ASN B 406 13.92 -8.45 25.60
N ARG B 407 14.83 -7.50 25.83
CA ARG B 407 14.81 -6.74 27.08
C ARG B 407 13.61 -5.82 27.14
N LEU B 408 13.25 -5.19 26.02
CA LEU B 408 12.07 -4.33 25.98
C LEU B 408 10.81 -5.11 26.29
N LEU B 409 10.67 -6.30 25.70
CA LEU B 409 9.47 -7.10 25.92
C LEU B 409 9.40 -7.62 27.34
N PHE B 410 10.54 -8.05 27.89
CA PHE B 410 10.55 -8.64 29.23
C PHE B 410 10.22 -7.58 30.28
N LYS B 411 10.85 -6.41 30.19
CA LYS B 411 10.59 -5.37 31.18
C LYS B 411 9.18 -4.82 31.06
N ALA B 412 8.60 -4.85 29.87
CA ALA B 412 7.24 -4.37 29.71
C ALA B 412 6.22 -5.38 30.23
N LYS B 413 6.54 -6.68 30.14
CA LYS B 413 5.63 -7.69 30.65
C LYS B 413 5.58 -7.69 32.18
N GLN B 414 6.73 -7.49 32.83
CA GLN B 414 6.74 -7.49 34.29
C GLN B 414 6.08 -6.23 34.85
N ARG B 415 6.10 -5.13 34.10
CA ARG B 415 5.36 -3.95 34.52
C ARG B 415 3.87 -4.11 34.31
N GLN B 416 3.47 -4.82 33.24
CA GLN B 416 2.06 -5.09 33.02
C GLN B 416 1.51 -6.08 34.05
N ASN B 417 2.28 -7.13 34.35
CA ASN B 417 1.84 -8.10 35.36
C ASN B 417 1.73 -7.44 36.73
N GLU B 418 2.51 -6.40 36.99
CA GLU B 418 2.33 -5.63 38.22
C GLU B 418 1.03 -4.85 38.20
N SER B 419 0.61 -4.36 37.03
CA SER B 419 -0.54 -3.47 36.94
C SER B 419 -1.87 -4.18 37.14
N ILE B 420 -1.90 -5.51 37.13
CA ILE B 420 -3.13 -6.27 37.26
C ILE B 420 -3.27 -6.71 38.71
N ILE B 421 -4.20 -6.09 39.43
CA ILE B 421 -4.45 -6.39 40.83
C ILE B 421 -5.83 -7.01 40.96
N ARG B 422 -5.92 -8.07 41.77
CA ARG B 422 -7.17 -8.78 41.95
C ARG B 422 -7.96 -8.19 43.10
N VAL B 423 -9.26 -7.93 42.86
CA VAL B 423 -10.19 -7.53 43.90
C VAL B 423 -11.38 -8.48 43.86
N ASP B 424 -12.12 -8.51 44.97
CA ASP B 424 -13.31 -9.34 45.07
C ASP B 424 -14.54 -8.58 45.53
N THR B 425 -14.38 -7.38 46.07
CA THR B 425 -15.50 -6.52 46.45
C THR B 425 -15.26 -5.12 45.91
N PHE B 426 -16.35 -4.39 45.69
CA PHE B 426 -16.24 -3.03 45.18
C PHE B 426 -15.65 -2.06 46.18
N ASP B 427 -15.57 -2.44 47.46
CA ASP B 427 -15.03 -1.56 48.49
C ASP B 427 -13.54 -1.28 48.30
N LYS B 428 -12.85 -2.02 47.42
CA LYS B 428 -11.43 -1.82 47.18
C LYS B 428 -11.12 -1.61 45.70
N VAL B 429 -12.12 -1.27 44.90
CA VAL B 429 -11.89 -1.06 43.46
C VAL B 429 -11.34 0.32 43.20
N MET B 430 -11.96 1.35 43.79
CA MET B 430 -11.51 2.72 43.56
C MET B 430 -10.09 2.93 44.07
N ASP B 431 -9.75 2.34 45.22
CA ASP B 431 -8.40 2.48 45.76
C ASP B 431 -7.38 1.81 44.86
N THR B 432 -7.74 0.69 44.24
CA THR B 432 -6.85 0.03 43.29
C THR B 432 -6.83 0.75 41.95
N LEU B 433 -7.99 1.22 41.49
CA LEU B 433 -8.07 1.89 40.20
C LEU B 433 -7.33 3.23 40.23
N ASN B 434 -7.36 3.93 41.36
CA ASN B 434 -6.66 5.20 41.49
C ASN B 434 -5.15 5.04 41.61
N GLN B 435 -4.66 3.83 41.87
CA GLN B 435 -3.23 3.56 41.90
C GLN B 435 -2.64 3.34 40.52
N LYS B 436 -3.35 3.78 39.47
CA LYS B 436 -2.93 3.57 38.08
C LYS B 436 -2.75 2.08 37.78
N LYS B 437 -3.67 1.27 38.27
CA LYS B 437 -3.64 -0.17 38.12
C LYS B 437 -4.90 -0.65 37.41
N MET B 438 -4.88 -1.91 36.98
CA MET B 438 -6.04 -2.57 36.42
C MET B 438 -6.66 -3.50 37.45
N VAL B 439 -7.91 -3.88 37.19
CA VAL B 439 -8.71 -4.66 38.14
C VAL B 439 -9.19 -5.93 37.45
N ILE B 440 -8.84 -7.08 38.01
CA ILE B 440 -9.39 -8.37 37.59
C ILE B 440 -10.20 -8.91 38.76
N ALA B 441 -11.46 -9.24 38.51
CA ALA B 441 -12.39 -9.55 39.59
C ALA B 441 -13.44 -10.52 39.06
N PRO B 442 -14.05 -11.30 39.94
CA PRO B 442 -15.19 -12.12 39.52
C PRO B 442 -16.37 -11.25 39.09
N TRP B 443 -16.86 -11.49 37.88
CA TRP B 443 -17.90 -10.69 37.28
C TRP B 443 -19.03 -11.57 36.77
N CYS B 444 -20.27 -11.12 36.95
CA CYS B 444 -21.42 -11.88 36.49
C CYS B 444 -21.58 -11.82 34.98
N GLU B 445 -20.96 -10.84 34.33
CA GLU B 445 -21.00 -10.63 32.87
C GLU B 445 -22.41 -10.26 32.38
N ASP B 446 -23.17 -9.53 33.18
CA ASP B 446 -24.45 -9.00 32.74
C ASP B 446 -24.28 -7.61 32.17
N VAL B 447 -25.14 -7.28 31.19
CA VAL B 447 -25.06 -5.97 30.56
C VAL B 447 -25.53 -4.88 31.52
N SER B 448 -26.54 -5.17 32.34
CA SER B 448 -27.00 -4.20 33.33
C SER B 448 -25.94 -3.92 34.38
N CYS B 449 -25.08 -4.90 34.68
CA CYS B 449 -24.01 -4.71 35.64
C CYS B 449 -22.88 -3.85 35.08
N GLU B 450 -22.70 -3.86 33.75
CA GLU B 450 -21.63 -3.06 33.14
C GLU B 450 -21.91 -1.57 33.28
N GLU B 451 -23.14 -1.15 32.96
CA GLU B 451 -23.48 0.25 33.08
C GLU B 451 -23.51 0.71 34.53
N GLU B 452 -23.94 -0.17 35.44
CA GLU B 452 -23.93 0.18 36.86
C GLU B 452 -22.52 0.31 37.40
N ILE B 453 -21.58 -0.47 36.85
CA ILE B 453 -20.18 -0.34 37.26
C ILE B 453 -19.60 0.96 36.75
N LYS B 454 -19.80 1.26 35.47
CA LYS B 454 -19.24 2.48 34.89
C LYS B 454 -19.86 3.74 35.48
N LYS B 455 -21.16 3.69 35.81
CA LYS B 455 -21.82 4.85 36.39
C LYS B 455 -21.30 5.13 37.80
N GLU B 456 -21.18 4.09 38.62
CA GLU B 456 -20.67 4.29 39.98
C GLU B 456 -19.18 4.59 39.99
N THR B 457 -18.43 4.09 39.00
CA THR B 457 -16.99 4.35 38.96
C THR B 457 -16.69 5.81 38.68
N ALA B 458 -17.53 6.48 37.88
CA ALA B 458 -17.31 7.89 37.60
C ALA B 458 -17.54 8.75 38.82
N ARG B 459 -18.37 8.28 39.76
CA ARG B 459 -18.63 9.03 40.98
C ARG B 459 -17.78 8.50 42.13
N GLY B 472 -13.04 8.99 33.49
CA GLY B 472 -13.15 8.61 34.89
C GLY B 472 -13.83 7.27 35.11
N ALA B 473 -14.72 6.90 34.19
CA ALA B 473 -15.45 5.65 34.32
C ALA B 473 -14.54 4.46 34.06
N MET B 474 -14.86 3.33 34.69
CA MET B 474 -14.13 2.08 34.53
C MET B 474 -15.03 1.08 33.82
N LYS B 475 -14.69 0.74 32.58
CA LYS B 475 -15.43 -0.25 31.82
C LYS B 475 -14.60 -1.52 31.67
N SER B 476 -15.26 -2.58 31.25
CA SER B 476 -14.58 -3.87 31.07
C SER B 476 -13.67 -3.80 29.85
N LEU B 477 -12.47 -4.37 29.99
CA LEU B 477 -11.50 -4.40 28.90
C LEU B 477 -11.68 -5.65 28.05
N CYS B 478 -11.60 -6.83 28.67
CA CYS B 478 -11.83 -8.09 27.99
C CYS B 478 -11.97 -9.18 29.04
N ILE B 479 -12.55 -10.31 28.62
CA ILE B 479 -12.61 -11.51 29.44
C ILE B 479 -11.42 -12.37 29.08
N PRO B 480 -10.38 -12.41 29.91
CA PRO B 480 -9.11 -13.03 29.49
C PRO B 480 -9.26 -14.52 29.19
N ASN B 481 -8.56 -14.97 28.15
CA ASN B 481 -8.58 -16.39 27.81
C ASN B 481 -7.86 -17.21 28.89
N ASP B 482 -6.79 -16.67 29.45
CA ASP B 482 -6.04 -17.35 30.51
C ASP B 482 -6.66 -16.99 31.85
N GLN B 483 -7.54 -17.86 32.34
CA GLN B 483 -8.19 -17.66 33.64
C GLN B 483 -7.27 -18.23 34.72
N ILE B 484 -6.36 -17.38 35.21
CA ILE B 484 -5.40 -17.83 36.21
C ILE B 484 -6.08 -18.09 37.55
N PHE B 485 -7.09 -17.30 37.88
CA PHE B 485 -7.80 -17.46 39.16
C PHE B 485 -8.96 -18.44 39.02
N THR B 492 -18.67 -18.54 44.64
CA THR B 492 -18.09 -17.23 44.35
C THR B 492 -19.10 -16.33 43.64
N LYS B 493 -19.39 -15.18 44.24
CA LYS B 493 -20.35 -14.24 43.70
C LYS B 493 -19.63 -13.10 42.99
N CYS B 494 -20.41 -12.18 42.43
CA CYS B 494 -19.87 -11.04 41.72
C CYS B 494 -19.24 -10.05 42.70
N PHE B 495 -18.40 -9.17 42.16
CA PHE B 495 -17.73 -8.17 42.99
C PHE B 495 -18.51 -6.88 43.08
N PHE B 496 -19.49 -6.67 42.21
CA PHE B 496 -20.32 -5.47 42.21
C PHE B 496 -21.80 -5.77 42.41
N CYS B 497 -22.21 -7.02 42.26
CA CYS B 497 -23.63 -7.37 42.24
C CYS B 497 -23.88 -8.58 43.13
N ASP B 498 -25.16 -8.80 43.43
CA ASP B 498 -25.60 -9.97 44.19
C ASP B 498 -26.04 -11.03 43.18
N LYS B 499 -25.05 -11.65 42.54
CA LYS B 499 -25.31 -12.66 41.53
C LYS B 499 -24.09 -13.58 41.41
N LEU B 500 -24.33 -14.75 40.84
CA LEU B 500 -23.26 -15.74 40.65
C LEU B 500 -22.40 -15.35 39.46
N ALA B 501 -21.11 -15.17 39.68
CA ALA B 501 -20.19 -14.78 38.62
C ALA B 501 -19.80 -15.96 37.75
N LYS B 502 -19.57 -15.69 36.47
CA LYS B 502 -19.19 -16.74 35.51
C LYS B 502 -17.68 -16.95 35.50
N LYS B 503 -16.93 -15.90 35.17
CA LYS B 503 -15.47 -15.98 35.14
C LYS B 503 -14.91 -14.63 35.57
N PHE B 504 -13.58 -14.52 35.55
CA PHE B 504 -12.91 -13.28 35.90
C PHE B 504 -12.79 -12.38 34.68
N THR B 505 -12.99 -11.08 34.90
CA THR B 505 -12.99 -10.10 33.83
C THR B 505 -12.00 -8.98 34.16
N LEU B 506 -11.18 -8.62 33.19
CA LEU B 506 -10.19 -7.56 33.37
C LEU B 506 -10.87 -6.20 33.20
N PHE B 507 -10.90 -5.41 34.26
CA PHE B 507 -11.47 -4.07 34.24
C PHE B 507 -10.35 -3.03 34.27
N GLY B 508 -10.69 -1.81 33.87
CA GLY B 508 -9.74 -0.72 33.89
C GLY B 508 -10.23 0.52 33.17
N ARG B 509 -9.66 1.68 33.52
CA ARG B 509 -10.00 2.92 32.84
C ARG B 509 -9.37 2.93 31.46
N SER B 510 -10.18 3.21 30.44
CA SER B 510 -9.67 3.24 29.08
C SER B 510 -9.00 4.58 28.79
N TYR B 511 -8.24 4.61 27.70
CA TYR B 511 -7.55 5.83 27.29
C TYR B 511 -8.53 6.82 26.66
N PRO C . 1.34 15.40 -8.90
CA PRO C . 1.54 15.11 -10.33
C PRO C . 0.23 14.91 -11.07
O PRO C . -0.85 15.11 -10.51
CB PRO C . 2.36 13.81 -10.32
CG PRO C . 2.10 13.20 -8.97
CD PRO C . 1.94 14.36 -8.04
OXT PRO C . 0.21 14.56 -12.25
P AMP D . -2.53 14.15 -15.47
O1P AMP D . -1.66 15.08 -16.27
O2P AMP D . -3.21 14.81 -14.29
O3P AMP D . -3.44 13.26 -16.29
O5' AMP D . -1.51 13.13 -14.79
C5' AMP D . -1.88 12.37 -13.65
C4' AMP D . -1.57 10.90 -13.82
O4' AMP D . -2.70 10.13 -13.34
C3' AMP D . -1.33 10.44 -15.25
O3' AMP D . -0.42 9.34 -15.25
C2' AMP D . -2.71 9.97 -15.70
O2' AMP D . -2.69 9.01 -16.74
C1' AMP D . -3.27 9.38 -14.40
N9 AMP D . -4.73 9.49 -14.29
C8 AMP D . -5.41 10.65 -14.39
N7 AMP D . -6.74 10.44 -14.25
C5 AMP D . -6.92 9.13 -14.03
C6 AMP D . -8.09 8.24 -13.81
N6 AMP D . -9.35 8.74 -13.77
N1 AMP D . -7.85 6.92 -13.63
C2 AMP D . -6.60 6.42 -13.67
N3 AMP D . -5.50 7.16 -13.88
C4 AMP D . -5.60 8.50 -14.07
ZN ZN E . 3.60 25.54 -36.38
N PRO F . -14.50 -3.98 10.48
CA PRO F . -14.15 -4.37 11.85
C PRO F . -14.00 -3.17 12.78
O PRO F . -14.24 -2.03 12.39
CB PRO F . -12.81 -5.10 11.67
CG PRO F . -12.26 -4.56 10.39
CD PRO F . -13.45 -4.33 9.51
OXT PRO F . -13.63 -3.32 13.94
P AMP G . -13.80 -0.71 16.72
O1P AMP G . -14.09 0.52 17.54
O2P AMP G . -14.45 -0.70 15.35
O3P AMP G . -13.92 -2.03 17.46
O5' AMP G . -12.25 -0.62 16.40
C5' AMP G . -11.72 -1.06 15.15
C4' AMP G . -10.22 -1.17 15.18
O4' AMP G . -9.65 0.12 14.85
C3' AMP G . -9.62 -1.60 16.51
O3' AMP G . -8.42 -2.34 16.27
C2' AMP G . -9.26 -0.26 17.17
O2' AMP G . -8.20 -0.32 18.09
C1' AMP G . -8.92 0.62 15.96
N9 AMP G . -9.33 2.03 16.12
C8 AMP G . -10.51 2.41 16.62
N7 AMP G . -10.62 3.76 16.64
C5 AMP G . -9.47 4.26 16.13
C6 AMP G . -8.93 5.61 15.87
N6 AMP G . -9.65 6.73 16.15
N1 AMP G . -7.69 5.69 15.33
C2 AMP G . -6.96 4.59 15.04
N3 AMP G . -7.40 3.34 15.25
C4 AMP G . -8.62 3.11 15.79
ZN ZN H . -22.58 -8.21 38.77
P PO4 I . -12.10 2.68 21.07
O1 PO4 I . -11.45 3.96 21.58
O2 PO4 I . -13.34 3.03 20.28
O3 PO4 I . -12.47 1.81 22.24
O4 PO4 I . -11.11 1.95 20.19
#